data_2BET
#
_entry.id   2BET
#
_cell.length_a   136.735
_cell.length_b   102.710
_cell.length_c   69.988
_cell.angle_alpha   90.00
_cell.angle_beta   95.85
_cell.angle_gamma   90.00
#
_symmetry.space_group_name_H-M   'C 1 2 1'
#
loop_
_entity.id
_entity.type
_entity.pdbx_description
1 polymer 'CARBOHYDRATE-PHOSPHATE ISOMERASE'
2 non-polymer 4-PHOSPHO-D-ERYTHRONATE
3 water water
#
_entity_poly.entity_id   1
_entity_poly.type   'polypeptide(L)'
_entity_poly.pdbx_seq_one_letter_code
;MAHHHHHHSGMSGMRVYLGADHAGYELKQRIIEHLKQTGHEPIDCGALRYDADDDYPAFCIAAATRTVADPGSLGIVLGG
SGNGEQIAANKVPGARCALAWSVQTAALAREHNNAQLIGIGGRMHTVAEALAIVDAFVTTPWSKAQRHQRRIDILAEYER
THEAPPVPGAPA
;
_entity_poly.pdbx_strand_id   A,B,C,D,E
#
loop_
_chem_comp.id
_chem_comp.type
_chem_comp.name
_chem_comp.formula
DEZ non-polymer 4-PHOSPHO-D-ERYTHRONATE 'C4 H9 O8 P'
#
# COMPACT_ATOMS: atom_id res chain seq x y z
N GLY A 13 -9.55 29.93 31.25
CA GLY A 13 -10.50 29.04 30.52
C GLY A 13 -10.07 28.83 29.08
N MET A 14 -10.20 27.58 28.61
CA MET A 14 -9.72 27.19 27.28
C MET A 14 -10.56 26.07 26.67
N ARG A 15 -10.84 26.17 25.37
CA ARG A 15 -11.44 25.06 24.64
C ARG A 15 -10.38 23.99 24.39
N VAL A 16 -10.72 22.74 24.71
CA VAL A 16 -9.81 21.62 24.53
C VAL A 16 -10.49 20.50 23.76
N TYR A 17 -9.98 20.19 22.58
CA TYR A 17 -10.56 19.17 21.70
C TYR A 17 -9.96 17.80 22.01
N LEU A 18 -10.82 16.83 22.31
CA LEU A 18 -10.39 15.49 22.70
C LEU A 18 -10.79 14.44 21.67
N GLY A 19 -9.84 13.59 21.30
CA GLY A 19 -10.10 12.45 20.44
C GLY A 19 -9.56 11.18 21.06
N ALA A 20 -10.21 10.05 20.79
CA ALA A 20 -9.77 8.77 21.33
C ALA A 20 -10.48 7.60 20.66
N ASP A 21 -9.76 6.49 20.51
CA ASP A 21 -10.38 5.23 20.11
C ASP A 21 -10.85 4.48 21.37
N HIS A 22 -11.31 3.24 21.19
CA HIS A 22 -11.73 2.37 22.30
C HIS A 22 -10.73 2.25 23.45
N ALA A 23 -9.43 2.21 23.11
CA ALA A 23 -8.38 2.02 24.11
C ALA A 23 -8.22 3.23 25.04
N GLY A 24 -8.51 4.42 24.53
CA GLY A 24 -8.47 5.63 25.33
C GLY A 24 -9.83 6.23 25.66
N TYR A 25 -10.91 5.50 25.39
CA TYR A 25 -12.27 6.02 25.53
C TYR A 25 -12.65 6.32 26.98
N GLU A 26 -12.41 5.37 27.86
CA GLU A 26 -12.80 5.49 29.27
C GLU A 26 -12.00 6.57 29.99
N LEU A 27 -10.74 6.75 29.59
CA LEU A 27 -9.89 7.80 30.16
C LEU A 27 -10.31 9.17 29.62
N LYS A 28 -10.78 9.20 28.37
CA LYS A 28 -11.23 10.45 27.74
C LYS A 28 -12.46 11.03 28.44
N GLN A 29 -13.38 10.16 28.86
CA GLN A 29 -14.58 10.60 29.55
C GLN A 29 -14.24 11.15 30.94
N ARG A 30 -13.20 10.57 31.56
CA ARG A 30 -12.71 11.03 32.86
C ARG A 30 -12.01 12.38 32.75
N ILE A 31 -11.33 12.63 31.63
CA ILE A 31 -10.61 13.88 31.41
C ILE A 31 -11.58 15.01 31.06
N ILE A 32 -12.68 14.67 30.38
CA ILE A 32 -13.72 15.64 30.04
C ILE A 32 -14.38 16.16 31.32
N GLU A 33 -14.64 15.25 32.26
CA GLU A 33 -15.25 15.62 33.54
C GLU A 33 -14.31 16.46 34.38
N HIS A 34 -13.02 16.12 34.37
CA HIS A 34 -11.99 16.86 35.11
C HIS A 34 -11.79 18.28 34.58
N LEU A 35 -11.93 18.44 33.26
CA LEU A 35 -11.73 19.74 32.62
C LEU A 35 -12.92 20.68 32.86
N LYS A 36 -14.12 20.10 32.97
CA LYS A 36 -15.31 20.86 33.31
C LYS A 36 -15.20 21.42 34.74
N GLN A 37 -14.65 20.63 35.65
CA GLN A 37 -14.53 21.01 37.05
C GLN A 37 -13.36 21.98 37.32
N THR A 38 -12.44 22.12 36.36
CA THR A 38 -11.31 23.06 36.48
C THR A 38 -11.48 24.32 35.62
N GLY A 39 -12.69 24.56 35.11
CA GLY A 39 -13.02 25.80 34.43
C GLY A 39 -12.79 25.85 32.93
N HIS A 40 -12.47 24.70 32.34
CA HIS A 40 -12.25 24.59 30.89
C HIS A 40 -13.51 24.09 30.16
N GLU A 41 -13.47 24.16 28.83
CA GLU A 41 -14.60 23.73 27.98
C GLU A 41 -14.17 22.61 27.03
N PRO A 42 -14.29 21.36 27.46
CA PRO A 42 -13.94 20.21 26.61
C PRO A 42 -14.95 19.97 25.50
N ILE A 43 -14.46 19.67 24.29
CA ILE A 43 -15.29 19.36 23.14
C ILE A 43 -14.93 17.97 22.63
N ASP A 44 -15.89 17.06 22.63
CA ASP A 44 -15.67 15.67 22.26
C ASP A 44 -15.76 15.47 20.74
N CYS A 45 -14.62 15.15 20.13
CA CYS A 45 -14.54 14.85 18.69
C CYS A 45 -14.83 13.38 18.36
N GLY A 46 -14.98 12.55 19.39
CA GLY A 46 -15.22 11.12 19.22
C GLY A 46 -14.04 10.32 19.75
N ALA A 47 -14.24 9.04 20.11
CA ALA A 47 -15.49 8.33 19.93
C ALA A 47 -16.48 8.69 21.03
N LEU A 48 -17.77 8.77 20.67
CA LEU A 48 -18.83 9.16 21.60
C LEU A 48 -19.26 7.96 22.45
N ARG A 49 -19.17 6.76 21.89
CA ARG A 49 -19.40 5.52 22.63
C ARG A 49 -18.22 4.57 22.49
N TYR A 50 -18.24 3.51 23.30
CA TYR A 50 -17.22 2.48 23.23
C TYR A 50 -17.51 1.52 22.08
N ASP A 51 -16.60 1.49 21.10
CA ASP A 51 -16.64 0.53 20.00
C ASP A 51 -15.27 -0.13 19.93
N ALA A 52 -15.19 -1.40 20.29
CA ALA A 52 -13.93 -2.11 20.46
C ALA A 52 -13.09 -2.24 19.18
N ASP A 53 -13.73 -2.10 18.02
CA ASP A 53 -13.07 -2.29 16.74
C ASP A 53 -12.86 -0.99 15.94
N ASP A 54 -13.12 0.16 16.56
CA ASP A 54 -12.98 1.43 15.85
C ASP A 54 -11.52 1.85 15.72
N ASP A 55 -11.27 2.76 14.78
CA ASP A 55 -9.92 3.11 14.37
C ASP A 55 -9.59 4.53 14.83
N TYR A 56 -8.40 4.71 15.40
CA TYR A 56 -8.00 5.98 16.00
C TYR A 56 -7.78 7.15 15.02
N PRO A 57 -7.24 6.92 13.82
CA PRO A 57 -6.80 8.03 12.95
C PRO A 57 -7.82 9.15 12.75
N ALA A 58 -9.08 8.81 12.47
CA ALA A 58 -10.10 9.81 12.16
C ALA A 58 -10.40 10.74 13.33
N PHE A 59 -10.38 10.19 14.55
CA PHE A 59 -10.62 10.96 15.77
C PHE A 59 -9.46 11.91 16.08
N CYS A 60 -8.23 11.46 15.80
CA CYS A 60 -7.04 12.27 16.06
C CYS A 60 -6.84 13.34 15.00
N ILE A 61 -7.24 13.03 13.77
CA ILE A 61 -7.16 13.98 12.67
C ILE A 61 -8.20 15.08 12.86
N ALA A 62 -9.36 14.72 13.43
CA ALA A 62 -10.44 15.67 13.69
C ALA A 62 -10.07 16.62 14.84
N ALA A 63 -9.46 16.08 15.89
CA ALA A 63 -9.07 16.86 17.05
C ALA A 63 -7.91 17.81 16.74
N ALA A 64 -6.96 17.35 15.94
CA ALA A 64 -5.78 18.13 15.56
C ALA A 64 -6.14 19.22 14.55
N THR A 65 -7.05 18.92 13.63
CA THR A 65 -7.51 19.89 12.64
C THR A 65 -8.26 21.05 13.31
N ARG A 66 -9.15 20.71 14.23
CA ARG A 66 -9.98 21.70 14.93
C ARG A 66 -9.18 22.53 15.92
N THR A 67 -8.11 21.95 16.48
CA THR A 67 -7.24 22.67 17.42
C THR A 67 -6.40 23.73 16.70
N VAL A 68 -5.84 23.36 15.56
CA VAL A 68 -4.99 24.25 14.78
C VAL A 68 -5.80 25.41 14.20
N ALA A 69 -7.05 25.14 13.82
CA ALA A 69 -7.94 26.15 13.23
C ALA A 69 -8.62 27.03 14.28
N ASP A 70 -8.32 26.81 15.54
CA ASP A 70 -8.97 27.51 16.65
C ASP A 70 -7.89 28.14 17.56
N PRO A 71 -7.60 29.42 17.36
CA PRO A 71 -6.57 30.11 18.15
C PRO A 71 -6.82 30.11 19.65
N GLY A 72 -5.78 29.79 20.43
CA GLY A 72 -5.87 29.73 21.88
C GLY A 72 -6.28 28.38 22.45
N SER A 73 -6.78 27.49 21.59
CA SER A 73 -7.24 26.17 22.03
C SER A 73 -6.08 25.16 22.12
N LEU A 74 -6.30 24.10 22.89
CA LEU A 74 -5.39 22.96 22.95
C LEU A 74 -6.15 21.70 22.58
N GLY A 75 -5.47 20.55 22.60
CA GLY A 75 -6.06 19.28 22.22
C GLY A 75 -5.37 18.10 22.87
N ILE A 76 -6.11 17.04 23.13
CA ILE A 76 -5.58 15.82 23.74
C ILE A 76 -6.14 14.60 23.00
N VAL A 77 -5.26 13.73 22.53
CA VAL A 77 -5.65 12.47 21.90
C VAL A 77 -5.21 11.30 22.77
N LEU A 78 -6.13 10.35 23.02
CA LEU A 78 -5.88 9.23 23.92
C LEU A 78 -5.91 7.90 23.17
N GLY A 79 -5.00 7.01 23.54
CA GLY A 79 -5.00 5.63 23.05
C GLY A 79 -4.45 4.69 24.11
N GLY A 80 -3.95 3.54 23.66
CA GLY A 80 -3.32 2.59 24.57
C GLY A 80 -1.99 3.11 25.06
N SER A 81 -1.08 3.36 24.13
CA SER A 81 0.21 4.00 24.40
C SER A 81 0.17 5.50 24.07
N GLY A 82 -0.76 5.89 23.19
CA GLY A 82 -0.85 7.26 22.73
C GLY A 82 0.00 7.55 21.51
N ASN A 83 0.82 6.58 21.09
CA ASN A 83 1.81 6.84 20.04
C ASN A 83 1.22 6.85 18.64
N GLY A 84 0.33 5.91 18.34
CA GLY A 84 -0.39 5.93 17.09
C GLY A 84 -1.19 7.21 16.92
N GLU A 85 -1.65 7.75 18.05
CA GLU A 85 -2.53 8.90 18.08
C GLU A 85 -1.78 10.20 17.78
N GLN A 86 -0.65 10.40 18.45
CA GLN A 86 0.19 11.58 18.22
C GLN A 86 0.77 11.58 16.81
N ILE A 87 1.07 10.39 16.28
CA ILE A 87 1.57 10.26 14.91
C ILE A 87 0.52 10.75 13.91
N ALA A 88 -0.73 10.39 14.14
CA ALA A 88 -1.83 10.80 13.26
C ALA A 88 -2.06 12.31 13.35
N ALA A 89 -1.98 12.86 14.56
CA ALA A 89 -2.17 14.29 14.79
C ALA A 89 -1.05 15.12 14.15
N ASN A 90 0.15 14.54 14.09
CA ASN A 90 1.32 15.22 13.53
C ASN A 90 1.30 15.29 12.00
N LYS A 91 0.48 14.47 11.35
CA LYS A 91 0.31 14.56 9.89
C LYS A 91 -0.57 15.75 9.48
N VAL A 92 -1.34 16.29 10.41
CA VAL A 92 -2.17 17.47 10.15
C VAL A 92 -1.28 18.71 10.01
N PRO A 93 -1.43 19.45 8.91
CA PRO A 93 -0.66 20.70 8.71
C PRO A 93 -0.82 21.71 9.87
N GLY A 94 0.30 22.20 10.39
CA GLY A 94 0.31 23.16 11.48
C GLY A 94 0.36 22.55 12.88
N ALA A 95 -0.07 21.30 13.00
CA ALA A 95 -0.16 20.65 14.31
C ALA A 95 1.21 20.19 14.81
N ARG A 96 1.38 20.23 16.13
CA ARG A 96 2.56 19.74 16.81
C ARG A 96 2.07 18.98 18.05
N CYS A 97 2.19 17.65 18.00
CA CYS A 97 1.66 16.79 19.06
C CYS A 97 2.78 16.00 19.73
N ALA A 98 3.09 16.37 20.98
CA ALA A 98 4.05 15.63 21.80
C ALA A 98 3.37 14.44 22.46
N LEU A 99 4.16 13.44 22.83
CA LEU A 99 3.69 12.35 23.67
C LEU A 99 4.02 12.68 25.12
N ALA A 100 2.97 12.97 25.90
CA ALA A 100 3.12 13.28 27.32
C ALA A 100 2.99 12.01 28.18
N TRP A 101 4.07 11.63 28.85
CA TRP A 101 4.08 10.49 29.76
C TRP A 101 4.45 10.90 31.20
N SER A 102 4.53 12.21 31.45
CA SER A 102 4.84 12.74 32.77
C SER A 102 4.47 14.22 32.86
N VAL A 103 4.52 14.75 34.09
CA VAL A 103 4.28 16.18 34.33
C VAL A 103 5.37 17.01 33.66
N GLN A 104 6.60 16.50 33.63
CA GLN A 104 7.73 17.21 33.03
C GLN A 104 7.61 17.33 31.52
N THR A 105 7.22 16.25 30.84
CA THR A 105 7.12 16.23 29.37
C THR A 105 5.87 16.95 28.85
N ALA A 106 4.83 17.01 29.67
CA ALA A 106 3.63 17.77 29.33
C ALA A 106 3.93 19.27 29.40
N ALA A 107 4.69 19.68 30.40
CA ALA A 107 5.07 21.09 30.59
C ALA A 107 6.11 21.53 29.55
N LEU A 108 7.07 20.67 29.27
CA LEU A 108 8.11 20.95 28.28
C LEU A 108 7.53 21.02 26.87
N ALA A 109 6.48 20.24 26.61
CA ALA A 109 5.82 20.28 25.32
C ALA A 109 5.30 21.68 25.02
N ARG A 110 4.72 22.31 26.03
CA ARG A 110 4.23 23.69 25.90
C ARG A 110 5.37 24.70 25.85
N GLU A 111 6.27 24.62 26.84
CA GLU A 111 7.34 25.60 27.02
C GLU A 111 8.32 25.66 25.83
N HIS A 112 8.73 24.48 25.34
CA HIS A 112 9.75 24.38 24.30
C HIS A 112 9.16 24.21 22.89
N ASN A 113 8.24 23.26 22.75
CA ASN A 113 7.71 22.91 21.41
C ASN A 113 6.43 23.66 21.01
N ASN A 114 5.86 24.44 21.93
CA ASN A 114 4.58 25.12 21.70
C ASN A 114 3.51 24.19 21.15
N ALA A 115 3.45 22.98 21.71
CA ALA A 115 2.58 21.92 21.21
C ALA A 115 1.11 22.23 21.52
N GLN A 116 0.28 22.24 20.49
CA GLN A 116 -1.15 22.48 20.67
C GLN A 116 -1.84 21.23 21.18
N LEU A 117 -1.22 20.06 20.99
CA LEU A 117 -1.79 18.78 21.41
C LEU A 117 -0.78 17.88 22.13
N ILE A 118 -1.30 16.94 22.91
CA ILE A 118 -0.50 15.86 23.49
C ILE A 118 -1.24 14.53 23.39
N GLY A 119 -0.49 13.45 23.18
CA GLY A 119 -1.02 12.10 23.26
C GLY A 119 -0.78 11.53 24.64
N ILE A 120 -1.73 10.74 25.14
CA ILE A 120 -1.58 10.08 26.44
C ILE A 120 -2.02 8.62 26.31
N GLY A 121 -1.20 7.72 26.83
CA GLY A 121 -1.54 6.31 26.87
C GLY A 121 -2.33 5.97 28.13
N GLY A 122 -3.60 5.65 27.96
CA GLY A 122 -4.45 5.24 29.06
C GLY A 122 -4.02 3.97 29.78
N ARG A 123 -3.37 3.05 29.06
CA ARG A 123 -2.86 1.82 29.64
C ARG A 123 -1.53 1.99 30.39
N MET A 124 -0.91 3.16 30.27
CA MET A 124 0.43 3.41 30.81
C MET A 124 0.42 4.09 32.18
N HIS A 125 -0.68 4.77 32.52
CA HIS A 125 -0.80 5.48 33.80
C HIS A 125 -2.05 5.07 34.56
N THR A 126 -2.08 5.44 35.84
CA THR A 126 -3.31 5.40 36.62
C THR A 126 -4.14 6.61 36.20
N VAL A 127 -5.35 6.73 36.73
CA VAL A 127 -6.21 7.88 36.43
C VAL A 127 -5.60 9.15 37.02
N ALA A 128 -5.15 9.07 38.26
CA ALA A 128 -4.59 10.23 38.97
C ALA A 128 -3.34 10.79 38.29
N GLU A 129 -2.50 9.89 37.77
CA GLU A 129 -1.27 10.30 37.08
C GLU A 129 -1.59 10.99 35.75
N ALA A 130 -2.58 10.47 35.04
CA ALA A 130 -2.99 11.02 33.75
C ALA A 130 -3.60 12.41 33.88
N LEU A 131 -4.38 12.64 34.94
CA LEU A 131 -5.01 13.93 35.17
C LEU A 131 -4.01 15.00 35.60
N ALA A 132 -2.91 14.58 36.23
CA ALA A 132 -1.83 15.49 36.59
C ALA A 132 -1.02 15.90 35.35
N ILE A 133 -0.96 15.00 34.37
CA ILE A 133 -0.34 15.28 33.08
C ILE A 133 -1.18 16.31 32.30
N VAL A 134 -2.50 16.17 32.37
CA VAL A 134 -3.42 17.10 31.73
C VAL A 134 -3.34 18.49 32.38
N ASP A 135 -3.20 18.51 33.71
CA ASP A 135 -3.14 19.78 34.45
C ASP A 135 -1.90 20.58 34.06
N ALA A 136 -0.76 19.90 33.96
CA ALA A 136 0.49 20.54 33.55
C ALA A 136 0.41 21.06 32.11
N PHE A 137 -0.31 20.34 31.27
CA PHE A 137 -0.44 20.69 29.85
C PHE A 137 -1.24 21.97 29.64
N VAL A 138 -2.37 22.10 30.32
CA VAL A 138 -3.28 23.23 30.13
C VAL A 138 -2.90 24.48 30.94
N THR A 139 -1.93 24.36 31.86
CA THR A 139 -1.53 25.48 32.71
C THR A 139 -0.09 25.98 32.47
N THR A 140 0.71 25.22 31.71
CA THR A 140 2.08 25.63 31.41
C THR A 140 2.07 26.54 30.20
N PRO A 141 2.62 27.75 30.34
CA PRO A 141 2.65 28.72 29.22
C PRO A 141 3.74 28.40 28.19
N TRP A 142 3.48 28.83 26.96
CA TRP A 142 4.46 28.79 25.87
C TRP A 142 5.47 29.91 26.10
N SER A 143 6.75 29.56 26.17
CA SER A 143 7.80 30.48 26.60
C SER A 143 8.06 31.64 25.65
N LYS A 144 7.82 31.42 24.36
CA LYS A 144 8.09 32.40 23.30
C LYS A 144 9.59 32.74 23.14
N ALA A 145 10.47 31.88 23.65
CA ALA A 145 11.91 32.13 23.55
C ALA A 145 12.36 32.04 22.10
N GLN A 146 13.45 32.74 21.79
CA GLN A 146 13.91 32.91 20.41
C GLN A 146 14.25 31.58 19.73
N ARG A 147 15.05 30.76 20.42
CA ARG A 147 15.53 29.51 19.84
C ARG A 147 14.42 28.50 19.63
N HIS A 148 13.44 28.49 20.54
CA HIS A 148 12.29 27.61 20.42
C HIS A 148 11.42 28.00 19.22
N GLN A 149 11.21 29.29 19.03
CA GLN A 149 10.42 29.80 17.91
C GLN A 149 11.14 29.58 16.58
N ARG A 150 12.46 29.65 16.60
CA ARG A 150 13.28 29.46 15.39
C ARG A 150 13.14 28.03 14.87
N ARG A 151 13.11 27.06 15.77
CA ARG A 151 13.01 25.65 15.42
C ARG A 151 11.62 25.27 14.93
N ILE A 152 10.60 25.89 15.52
CA ILE A 152 9.21 25.74 15.06
C ILE A 152 9.04 26.31 13.66
N ASP A 153 9.75 27.41 13.37
CA ASP A 153 9.69 28.07 12.07
C ASP A 153 10.41 27.27 10.99
N ILE A 154 11.50 26.60 11.37
CA ILE A 154 12.25 25.77 10.43
C ILE A 154 11.36 24.61 10.00
N LEU A 155 10.66 24.01 10.96
CA LEU A 155 9.80 22.87 10.70
C LEU A 155 8.55 23.25 9.89
N ALA A 156 8.03 24.45 10.12
CA ALA A 156 6.83 24.92 9.41
C ALA A 156 7.16 25.25 7.95
N GLU A 157 8.40 25.69 7.71
CA GLU A 157 8.87 25.94 6.35
C GLU A 157 9.06 24.62 5.59
N TYR A 158 9.44 23.56 6.31
CA TYR A 158 9.53 22.23 5.72
C TYR A 158 8.15 21.67 5.39
N GLU A 159 7.15 22.00 6.22
CA GLU A 159 5.77 21.57 5.98
C GLU A 159 5.21 22.19 4.71
N ARG A 160 5.67 23.41 4.40
CA ARG A 160 5.16 24.19 3.28
C ARG A 160 5.75 23.75 1.94
N THR A 161 7.07 23.53 1.92
CA THR A 161 7.81 23.29 0.67
C THR A 161 8.31 21.85 0.50
N HIS A 162 8.29 21.08 1.58
CA HIS A 162 8.92 19.75 1.65
C HIS A 162 10.38 19.74 1.16
N GLU A 163 11.07 20.85 1.37
CA GLU A 163 12.49 20.98 1.05
C GLU A 163 13.27 20.74 2.33
N ALA A 164 13.95 19.60 2.41
CA ALA A 164 14.73 19.26 3.60
C ALA A 164 15.81 20.32 3.81
N PRO A 165 15.81 20.97 4.98
CA PRO A 165 16.81 22.01 5.26
C PRO A 165 18.20 21.38 5.40
N PRO A 166 19.23 22.09 4.95
CA PRO A 166 20.59 21.51 4.91
C PRO A 166 21.16 21.29 6.31
N VAL A 167 21.83 20.15 6.48
CA VAL A 167 22.55 19.85 7.71
C VAL A 167 23.80 20.73 7.79
N PRO A 168 24.05 21.35 8.94
CA PRO A 168 25.29 22.11 9.14
C PRO A 168 26.55 21.33 8.72
N GLY A 169 27.22 21.82 7.69
CA GLY A 169 28.39 21.15 7.14
C GLY A 169 28.00 19.95 6.30
N GLY B 13 20.43 -8.26 11.74
CA GLY B 13 21.16 -6.96 11.64
C GLY B 13 20.34 -5.89 10.94
N MET B 14 19.97 -4.86 11.69
CA MET B 14 19.15 -3.76 11.17
C MET B 14 20.01 -2.55 10.87
N ARG B 15 19.65 -1.84 9.81
CA ARG B 15 20.25 -0.54 9.50
C ARG B 15 19.45 0.53 10.24
N VAL B 16 20.15 1.47 10.87
CA VAL B 16 19.52 2.49 11.71
C VAL B 16 20.13 3.86 11.43
N TYR B 17 19.31 4.79 10.92
CA TYR B 17 19.72 6.19 10.74
C TYR B 17 19.46 6.97 12.03
N LEU B 18 20.47 7.70 12.49
CA LEU B 18 20.38 8.42 13.76
C LEU B 18 20.54 9.92 13.58
N GLY B 19 19.66 10.69 14.22
CA GLY B 19 19.74 12.14 14.23
C GLY B 19 19.68 12.67 15.65
N ALA B 20 20.28 13.84 15.88
CA ALA B 20 20.29 14.45 17.21
C ALA B 20 20.76 15.89 17.19
N ASP B 21 20.17 16.71 18.05
CA ASP B 21 20.73 18.03 18.35
C ASP B 21 21.70 17.91 19.54
N HIS B 22 22.13 19.05 20.07
CA HIS B 22 23.05 19.10 21.22
C HIS B 22 22.56 18.34 22.45
N ALA B 23 21.27 18.43 22.73
CA ALA B 23 20.67 17.81 23.92
C ALA B 23 20.68 16.29 23.88
N GLY B 24 20.66 15.72 22.67
CA GLY B 24 20.73 14.28 22.48
C GLY B 24 22.01 13.80 21.84
N TYR B 25 23.01 14.66 21.72
CA TYR B 25 24.26 14.34 21.03
C TYR B 25 25.04 13.24 21.73
N GLU B 26 25.25 13.39 23.03
CA GLU B 26 26.07 12.45 23.80
C GLU B 26 25.44 11.07 23.87
N LEU B 27 24.12 11.02 24.02
CA LEU B 27 23.39 9.75 24.04
C LEU B 27 23.45 9.06 22.67
N LYS B 28 23.43 9.86 21.60
CA LYS B 28 23.50 9.33 20.24
C LYS B 28 24.84 8.62 19.97
N GLN B 29 25.93 9.14 20.56
CA GLN B 29 27.25 8.53 20.39
C GLN B 29 27.33 7.19 21.11
N ARG B 30 26.65 7.10 22.26
CA ARG B 30 26.57 5.86 23.02
C ARG B 30 25.71 4.80 22.32
N ILE B 31 24.69 5.24 21.59
CA ILE B 31 23.79 4.34 20.89
C ILE B 31 24.44 3.80 19.62
N ILE B 32 25.18 4.65 18.92
CA ILE B 32 25.94 4.23 17.73
C ILE B 32 26.92 3.13 18.11
N GLU B 33 27.63 3.35 19.22
CA GLU B 33 28.61 2.39 19.74
C GLU B 33 27.92 1.09 20.18
N HIS B 34 26.73 1.21 20.77
CA HIS B 34 25.99 0.06 21.28
C HIS B 34 25.43 -0.78 20.14
N LEU B 35 25.00 -0.12 19.06
CA LEU B 35 24.41 -0.80 17.91
C LEU B 35 25.47 -1.57 17.12
N LYS B 36 26.70 -1.05 17.07
CA LYS B 36 27.81 -1.74 16.41
C LYS B 36 28.14 -3.04 17.13
N GLN B 37 28.17 -3.00 18.46
CA GLN B 37 28.54 -4.15 19.28
C GLN B 37 27.43 -5.21 19.37
N THR B 38 26.22 -4.87 18.92
CA THR B 38 25.10 -5.81 18.92
C THR B 38 24.74 -6.31 17.51
N GLY B 39 25.59 -6.03 16.52
CA GLY B 39 25.45 -6.58 15.18
C GLY B 39 24.66 -5.74 14.18
N HIS B 40 24.35 -4.50 14.54
CA HIS B 40 23.59 -3.59 13.69
C HIS B 40 24.50 -2.59 12.97
N GLU B 41 23.93 -1.80 12.06
CA GLU B 41 24.68 -0.88 11.20
C GLU B 41 24.16 0.55 11.36
N PRO B 42 24.71 1.29 12.32
CA PRO B 42 24.31 2.69 12.51
C PRO B 42 24.93 3.65 11.49
N ILE B 43 24.13 4.60 11.02
CA ILE B 43 24.58 5.65 10.11
C ILE B 43 24.23 7.00 10.74
N ASP B 44 25.22 7.89 10.84
CA ASP B 44 25.08 9.16 11.54
C ASP B 44 24.71 10.29 10.59
N CYS B 45 23.50 10.84 10.77
CA CYS B 45 23.02 11.97 9.96
C CYS B 45 23.37 13.33 10.58
N GLY B 46 24.04 13.33 11.73
CA GLY B 46 24.36 14.53 12.47
C GLY B 46 23.51 14.64 13.72
N ALA B 47 23.89 15.48 14.69
CA ALA B 47 25.03 16.39 14.58
C ALA B 47 26.34 15.64 14.80
N LEU B 48 27.37 16.04 14.06
CA LEU B 48 28.67 15.36 14.09
C LEU B 48 29.56 15.87 15.22
N ARG B 49 29.24 17.05 15.75
CA ARG B 49 29.89 17.57 16.95
C ARG B 49 28.91 18.29 17.86
N TYR B 50 29.32 18.51 19.11
CA TYR B 50 28.49 19.24 20.07
C TYR B 50 28.47 20.73 19.72
N ASP B 51 27.26 21.27 19.59
CA ASP B 51 27.04 22.68 19.34
C ASP B 51 25.79 23.10 20.11
N ALA B 52 25.99 23.86 21.18
CA ALA B 52 24.92 24.17 22.15
C ALA B 52 23.69 24.88 21.58
N ASP B 53 23.85 25.56 20.45
CA ASP B 53 22.80 26.40 19.88
C ASP B 53 22.11 25.81 18.65
N ASP B 54 22.52 24.61 18.22
CA ASP B 54 22.02 24.06 16.97
C ASP B 54 20.57 23.57 17.05
N ASP B 55 19.95 23.44 15.88
CA ASP B 55 18.51 23.25 15.77
C ASP B 55 18.18 21.82 15.34
N TYR B 56 17.25 21.19 16.06
CA TYR B 56 16.94 19.77 15.88
C TYR B 56 16.27 19.37 14.56
N PRO B 57 15.38 20.19 13.99
CA PRO B 57 14.57 19.75 12.84
C PRO B 57 15.37 19.17 11.67
N ALA B 58 16.48 19.80 11.29
CA ALA B 58 17.24 19.39 10.10
C ALA B 58 17.82 17.98 10.24
N PHE B 59 18.27 17.64 11.45
CA PHE B 59 18.82 16.32 11.74
C PHE B 59 17.74 15.22 11.79
N CYS B 60 16.56 15.58 12.29
CA CYS B 60 15.45 14.64 12.41
C CYS B 60 14.78 14.37 11.06
N ILE B 61 14.72 15.41 10.22
CA ILE B 61 14.14 15.29 8.88
C ILE B 61 15.12 14.54 7.97
N ALA B 62 16.42 14.64 8.28
CA ALA B 62 17.43 13.92 7.51
C ALA B 62 17.32 12.42 7.77
N ALA B 63 17.19 12.05 9.04
CA ALA B 63 17.11 10.64 9.43
C ALA B 63 15.80 9.99 8.98
N ALA B 64 14.70 10.72 9.11
CA ALA B 64 13.37 10.21 8.76
C ALA B 64 13.22 10.05 7.25
N THR B 65 13.69 11.05 6.51
CA THR B 65 13.66 11.01 5.04
C THR B 65 14.48 9.83 4.51
N ARG B 66 15.65 9.61 5.07
CA ARG B 66 16.53 8.53 4.63
C ARG B 66 16.00 7.16 5.03
N THR B 67 15.28 7.09 6.15
CA THR B 67 14.68 5.84 6.61
C THR B 67 13.55 5.40 5.69
N VAL B 68 12.74 6.36 5.25
CA VAL B 68 11.61 6.09 4.37
C VAL B 68 12.09 5.68 2.98
N ALA B 69 13.20 6.25 2.53
CA ALA B 69 13.76 5.98 1.21
C ALA B 69 14.59 4.69 1.18
N ASP B 70 14.72 4.04 2.34
CA ASP B 70 15.50 2.82 2.47
C ASP B 70 14.67 1.79 3.23
N PRO B 71 13.67 1.20 2.57
CA PRO B 71 12.73 0.27 3.24
C PRO B 71 13.44 -0.86 3.98
N GLY B 72 12.96 -1.17 5.18
CA GLY B 72 13.59 -2.17 6.02
C GLY B 72 14.51 -1.56 7.06
N SER B 73 14.92 -0.31 6.82
CA SER B 73 15.74 0.42 7.79
C SER B 73 14.87 1.02 8.89
N LEU B 74 15.51 1.33 10.00
CA LEU B 74 14.86 1.99 11.13
C LEU B 74 15.56 3.31 11.39
N GLY B 75 15.07 4.06 12.39
CA GLY B 75 15.58 5.38 12.69
C GLY B 75 15.40 5.75 14.15
N ILE B 76 16.33 6.54 14.67
CA ILE B 76 16.26 7.01 16.05
C ILE B 76 16.68 8.47 16.07
N VAL B 77 15.80 9.33 16.60
CA VAL B 77 16.10 10.76 16.74
C VAL B 77 16.15 11.12 18.22
N LEU B 78 17.14 11.94 18.59
CA LEU B 78 17.45 12.21 19.99
C LEU B 78 17.41 13.71 20.26
N GLY B 79 16.75 14.09 21.36
CA GLY B 79 16.80 15.46 21.86
C GLY B 79 16.81 15.46 23.37
N GLY B 80 16.25 16.51 23.97
CA GLY B 80 16.16 16.60 25.42
C GLY B 80 15.05 15.72 25.93
N SER B 81 13.85 15.96 25.42
CA SER B 81 12.68 15.13 25.73
C SER B 81 12.38 14.13 24.61
N GLY B 82 12.87 14.42 23.40
CA GLY B 82 12.59 13.62 22.23
C GLY B 82 11.31 14.02 21.50
N ASN B 83 10.58 14.99 22.05
CA ASN B 83 9.24 15.32 21.54
C ASN B 83 9.24 16.25 20.35
N GLY B 84 10.06 17.29 20.39
CA GLY B 84 10.25 18.13 19.22
C GLY B 84 10.80 17.33 18.06
N GLU B 85 11.59 16.30 18.38
CA GLU B 85 12.30 15.50 17.40
C GLU B 85 11.37 14.54 16.67
N GLN B 86 10.44 13.91 17.40
CA GLN B 86 9.46 13.01 16.81
C GLN B 86 8.41 13.77 16.00
N ILE B 87 8.11 14.99 16.43
CA ILE B 87 7.18 15.86 15.72
C ILE B 87 7.76 16.17 14.33
N ALA B 88 9.03 16.54 14.31
CA ALA B 88 9.71 16.91 13.07
C ALA B 88 9.78 15.73 12.11
N ALA B 89 10.09 14.56 12.64
CA ALA B 89 10.24 13.36 11.83
C ALA B 89 8.90 12.89 11.26
N ASN B 90 7.82 13.18 11.97
CA ASN B 90 6.48 12.81 11.54
C ASN B 90 5.94 13.69 10.41
N LYS B 91 6.56 14.83 10.17
CA LYS B 91 6.22 15.69 9.03
C LYS B 91 6.75 15.14 7.71
N VAL B 92 7.72 14.24 7.77
CA VAL B 92 8.26 13.61 6.57
C VAL B 92 7.23 12.63 6.02
N PRO B 93 6.89 12.74 4.73
CA PRO B 93 5.96 11.79 4.10
C PRO B 93 6.39 10.32 4.24
N GLY B 94 5.46 9.47 4.68
CA GLY B 94 5.72 8.05 4.84
C GLY B 94 6.33 7.63 6.17
N ALA B 95 6.74 8.59 6.99
CA ALA B 95 7.41 8.30 8.26
C ALA B 95 6.39 8.20 9.39
N ARG B 96 6.73 7.35 10.36
CA ARG B 96 5.92 7.15 11.57
C ARG B 96 6.88 7.05 12.73
N CYS B 97 6.89 8.09 13.57
CA CYS B 97 7.83 8.20 14.68
C CYS B 97 7.10 8.26 16.01
N ALA B 98 7.24 7.19 16.79
CA ALA B 98 6.70 7.12 18.15
C ALA B 98 7.71 7.68 19.13
N LEU B 99 7.24 8.23 20.25
CA LEU B 99 8.13 8.55 21.38
C LEU B 99 8.26 7.33 22.27
N ALA B 100 9.47 6.80 22.38
CA ALA B 100 9.77 5.68 23.27
C ALA B 100 10.37 6.21 24.57
N TRP B 101 9.66 5.99 25.68
CA TRP B 101 10.14 6.36 27.01
C TRP B 101 10.20 5.14 27.95
N SER B 102 10.09 3.95 27.38
CA SER B 102 10.17 2.69 28.11
C SER B 102 10.36 1.54 27.15
N VAL B 103 10.69 0.37 27.70
CA VAL B 103 10.86 -0.84 26.90
C VAL B 103 9.54 -1.24 26.26
N GLN B 104 8.44 -1.06 26.99
CA GLN B 104 7.11 -1.43 26.51
C GLN B 104 6.66 -0.57 25.33
N THR B 105 6.78 0.74 25.46
CA THR B 105 6.36 1.66 24.39
C THR B 105 7.22 1.54 23.14
N ALA B 106 8.49 1.17 23.30
CA ALA B 106 9.39 0.95 22.17
C ALA B 106 8.99 -0.30 21.39
N ALA B 107 8.55 -1.34 22.11
CA ALA B 107 8.13 -2.59 21.51
C ALA B 107 6.75 -2.46 20.85
N LEU B 108 5.85 -1.72 21.49
CA LEU B 108 4.51 -1.49 20.95
C LEU B 108 4.56 -0.58 19.73
N ALA B 109 5.58 0.28 19.66
CA ALA B 109 5.78 1.13 18.48
C ALA B 109 5.96 0.27 17.24
N ARG B 110 6.77 -0.79 17.36
CA ARG B 110 7.00 -1.72 16.26
C ARG B 110 5.78 -2.62 16.00
N GLU B 111 5.27 -3.24 17.06
CA GLU B 111 4.23 -4.27 16.95
C GLU B 111 2.90 -3.74 16.44
N HIS B 112 2.49 -2.57 16.93
CA HIS B 112 1.17 -2.00 16.61
C HIS B 112 1.24 -0.90 15.54
N ASN B 113 2.20 0.01 15.67
CA ASN B 113 2.27 1.17 14.79
C ASN B 113 3.18 1.00 13.57
N ASN B 114 3.93 -0.11 13.51
CA ASN B 114 4.94 -0.32 12.48
C ASN B 114 5.86 0.90 12.31
N ALA B 115 6.21 1.52 13.42
CA ALA B 115 7.00 2.75 13.40
C ALA B 115 8.43 2.47 12.93
N GLN B 116 8.87 3.19 11.90
CA GLN B 116 10.23 3.05 11.40
C GLN B 116 11.20 3.83 12.28
N LEU B 117 10.68 4.80 13.03
CA LEU B 117 11.51 5.65 13.90
C LEU B 117 10.97 5.76 15.32
N ILE B 118 11.85 6.13 16.25
CA ILE B 118 11.45 6.53 17.60
C ILE B 118 12.26 7.73 18.09
N GLY B 119 11.62 8.58 18.87
CA GLY B 119 12.29 9.64 19.58
C GLY B 119 12.63 9.16 20.98
N ILE B 120 13.76 9.62 21.51
CA ILE B 120 14.15 9.35 22.89
C ILE B 120 14.76 10.62 23.49
N GLY B 121 14.38 10.93 24.73
CA GLY B 121 14.94 12.06 25.44
C GLY B 121 16.18 11.65 26.23
N GLY B 122 17.30 12.29 25.93
CA GLY B 122 18.55 12.05 26.64
C GLY B 122 18.56 12.55 28.08
N ARG B 123 17.75 13.57 28.35
CA ARG B 123 17.62 14.13 29.71
C ARG B 123 16.61 13.38 30.58
N MET B 124 15.93 12.38 30.01
CA MET B 124 14.85 11.66 30.69
C MET B 124 15.27 10.30 31.25
N HIS B 125 16.33 9.70 30.70
CA HIS B 125 16.77 8.36 31.08
C HIS B 125 18.25 8.30 31.41
N THR B 126 18.64 7.26 32.16
CA THR B 126 20.05 6.92 32.34
C THR B 126 20.52 6.22 31.07
N VAL B 127 21.82 5.97 30.98
CA VAL B 127 22.39 5.34 29.79
C VAL B 127 21.82 3.93 29.63
N ALA B 128 21.78 3.18 30.73
CA ALA B 128 21.30 1.79 30.71
C ALA B 128 19.81 1.68 30.34
N GLU B 129 19.01 2.65 30.75
CA GLU B 129 17.57 2.66 30.44
C GLU B 129 17.33 2.99 28.97
N ALA B 130 18.13 3.90 28.42
CA ALA B 130 17.99 4.32 27.02
C ALA B 130 18.43 3.22 26.06
N LEU B 131 19.45 2.45 26.45
CA LEU B 131 19.97 1.38 25.61
C LEU B 131 19.04 0.16 25.60
N ALA B 132 18.32 -0.04 26.70
CA ALA B 132 17.31 -1.09 26.77
C ALA B 132 16.09 -0.74 25.90
N ILE B 133 15.80 0.56 25.80
CA ILE B 133 14.74 1.04 24.90
C ILE B 133 15.13 0.79 23.44
N VAL B 134 16.40 1.05 23.12
CA VAL B 134 16.93 0.84 21.76
C VAL B 134 16.89 -0.63 21.38
N ASP B 135 17.20 -1.52 22.33
CA ASP B 135 17.23 -2.96 22.09
C ASP B 135 15.85 -3.47 21.70
N ALA B 136 14.85 -3.05 22.46
CA ALA B 136 13.46 -3.46 22.22
C ALA B 136 12.96 -2.93 20.87
N PHE B 137 13.42 -1.76 20.47
CA PHE B 137 13.02 -1.14 19.21
C PHE B 137 13.55 -1.91 17.99
N VAL B 138 14.81 -2.33 18.05
CA VAL B 138 15.47 -2.96 16.91
C VAL B 138 15.31 -4.48 16.84
N THR B 139 14.68 -5.09 17.85
CA THR B 139 14.45 -6.54 17.87
C THR B 139 12.97 -6.94 17.82
N THR B 140 12.07 -6.04 18.19
CA THR B 140 10.64 -6.34 18.19
C THR B 140 10.11 -6.30 16.76
N PRO B 141 9.52 -7.41 16.30
CA PRO B 141 8.95 -7.45 14.95
C PRO B 141 7.59 -6.75 14.85
N TRP B 142 7.30 -6.27 13.65
CA TRP B 142 5.99 -5.73 13.30
C TRP B 142 5.03 -6.90 13.15
N SER B 143 3.86 -6.81 13.79
CA SER B 143 2.93 -7.94 13.92
C SER B 143 2.18 -8.30 12.63
N LYS B 144 1.97 -7.31 11.77
CA LYS B 144 1.20 -7.48 10.53
C LYS B 144 -0.28 -7.79 10.76
N ALA B 145 -0.80 -7.49 11.94
CA ALA B 145 -2.19 -7.76 12.27
C ALA B 145 -3.12 -6.84 11.48
N GLN B 146 -4.30 -7.34 11.15
CA GLN B 146 -5.21 -6.70 10.20
C GLN B 146 -5.67 -5.31 10.66
N ARG B 147 -6.01 -5.17 11.94
CA ARG B 147 -6.52 -3.90 12.45
C ARG B 147 -5.43 -2.83 12.46
N HIS B 148 -4.19 -3.23 12.71
CA HIS B 148 -3.06 -2.32 12.72
C HIS B 148 -2.74 -1.80 11.33
N GLN B 149 -2.75 -2.70 10.34
CA GLN B 149 -2.51 -2.32 8.96
C GLN B 149 -3.63 -1.42 8.43
N ARG B 150 -4.86 -1.68 8.88
CA ARG B 150 -6.03 -0.90 8.46
C ARG B 150 -5.90 0.54 8.93
N ARG B 151 -5.40 0.74 10.15
CA ARG B 151 -5.22 2.07 10.71
C ARG B 151 -4.06 2.81 10.05
N ILE B 152 -2.99 2.09 9.74
CA ILE B 152 -1.85 2.66 9.03
C ILE B 152 -2.25 3.11 7.62
N ASP B 153 -3.12 2.34 6.98
CA ASP B 153 -3.58 2.65 5.62
C ASP B 153 -4.50 3.87 5.61
N ILE B 154 -5.31 4.03 6.65
CA ILE B 154 -6.21 5.19 6.76
C ILE B 154 -5.39 6.47 6.93
N LEU B 155 -4.35 6.42 7.76
CA LEU B 155 -3.51 7.58 8.00
C LEU B 155 -2.70 7.94 6.76
N ALA B 156 -2.20 6.93 6.06
CA ALA B 156 -1.44 7.12 4.82
C ALA B 156 -2.30 7.77 3.74
N GLU B 157 -3.60 7.43 3.74
CA GLU B 157 -4.54 7.99 2.77
C GLU B 157 -4.79 9.47 3.08
N TYR B 158 -4.85 9.82 4.36
CA TYR B 158 -4.93 11.22 4.77
C TYR B 158 -3.66 11.99 4.40
N GLU B 159 -2.51 11.32 4.48
CA GLU B 159 -1.23 11.95 4.15
C GLU B 159 -1.13 12.22 2.64
N ARG B 160 -1.84 11.41 1.86
CA ARG B 160 -1.84 11.54 0.40
C ARG B 160 -2.66 12.75 -0.07
N THR B 161 -3.85 12.92 0.50
CA THR B 161 -4.81 13.94 0.03
C THR B 161 -5.04 15.10 1.00
N HIS B 162 -4.65 14.92 2.26
CA HIS B 162 -4.97 15.84 3.35
C HIS B 162 -6.47 16.13 3.49
N GLU B 163 -7.29 15.15 3.12
CA GLU B 163 -8.75 15.24 3.28
C GLU B 163 -9.13 14.37 4.48
N ALA B 164 -9.56 15.02 5.56
CA ALA B 164 -9.86 14.32 6.80
C ALA B 164 -10.98 13.31 6.61
N PRO B 165 -10.77 12.07 7.05
CA PRO B 165 -11.80 11.03 6.93
C PRO B 165 -12.95 11.27 7.90
N PRO B 166 -14.17 10.90 7.53
CA PRO B 166 -15.34 11.12 8.38
C PRO B 166 -15.28 10.24 9.63
N VAL B 167 -15.64 10.81 10.78
CA VAL B 167 -15.68 10.04 12.03
C VAL B 167 -16.86 9.06 11.98
N PRO B 168 -16.71 7.88 12.59
CA PRO B 168 -17.80 6.88 12.60
C PRO B 168 -18.92 7.25 13.59
N GLY B 169 -19.82 8.12 13.15
CA GLY B 169 -20.89 8.61 14.00
C GLY B 169 -20.42 9.76 14.88
N GLY C 13 24.01 -23.83 -28.38
CA GLY C 13 23.43 -24.31 -27.10
C GLY C 13 23.62 -23.31 -25.97
N MET C 14 22.57 -23.13 -25.17
CA MET C 14 22.55 -22.14 -24.09
C MET C 14 22.14 -22.79 -22.77
N ARG C 15 22.86 -22.48 -21.70
CA ARG C 15 22.44 -22.84 -20.35
C ARG C 15 21.35 -21.85 -19.93
N VAL C 16 20.17 -22.36 -19.58
CA VAL C 16 19.03 -21.51 -19.21
C VAL C 16 18.42 -21.95 -17.87
N TYR C 17 18.58 -21.11 -16.84
CA TYR C 17 18.00 -21.35 -15.53
C TYR C 17 16.55 -20.89 -15.49
N LEU C 18 15.64 -21.80 -15.12
CA LEU C 18 14.21 -21.48 -15.06
C LEU C 18 13.69 -21.49 -13.63
N GLY C 19 12.82 -20.52 -13.33
CA GLY C 19 12.10 -20.48 -12.06
C GLY C 19 10.63 -20.18 -12.31
N ALA C 20 9.76 -20.67 -11.44
CA ALA C 20 8.32 -20.45 -11.60
C ALA C 20 7.52 -20.81 -10.35
N ASP C 21 6.43 -20.09 -10.14
CA ASP C 21 5.44 -20.48 -9.14
C ASP C 21 4.35 -21.34 -9.81
N HIS C 22 3.30 -21.63 -9.06
CA HIS C 22 2.17 -22.44 -9.53
C HIS C 22 1.53 -21.95 -10.84
N ALA C 23 1.43 -20.64 -11.00
CA ALA C 23 0.76 -20.04 -12.16
C ALA C 23 1.53 -20.27 -13.47
N GLY C 24 2.85 -20.34 -13.37
CA GLY C 24 3.69 -20.61 -14.52
C GLY C 24 4.34 -21.98 -14.50
N TYR C 25 3.88 -22.88 -13.64
CA TYR C 25 4.52 -24.18 -13.46
C TYR C 25 4.37 -25.10 -14.67
N GLU C 26 3.13 -25.28 -15.14
CA GLU C 26 2.86 -26.15 -16.28
C GLU C 26 3.59 -25.69 -17.55
N LEU C 27 3.64 -24.38 -17.76
CA LEU C 27 4.34 -23.82 -18.90
C LEU C 27 5.86 -23.98 -18.78
N LYS C 28 6.38 -23.92 -17.56
CA LYS C 28 7.82 -24.09 -17.31
C LYS C 28 8.27 -25.51 -17.69
N GLN C 29 7.43 -26.50 -17.40
CA GLN C 29 7.75 -27.89 -17.72
C GLN C 29 7.78 -28.11 -19.24
N ARG C 30 6.87 -27.43 -19.93
CA ARG C 30 6.79 -27.53 -21.40
C ARG C 30 7.92 -26.76 -22.10
N ILE C 31 8.46 -25.75 -21.42
CA ILE C 31 9.59 -24.98 -21.95
C ILE C 31 10.90 -25.73 -21.73
N ILE C 32 10.99 -26.48 -20.63
CA ILE C 32 12.15 -27.33 -20.35
C ILE C 32 12.24 -28.44 -21.39
N GLU C 33 11.10 -29.03 -21.73
CA GLU C 33 11.01 -30.07 -22.75
C GLU C 33 11.40 -29.51 -24.12
N HIS C 34 10.92 -28.30 -24.42
CA HIS C 34 11.20 -27.64 -25.70
C HIS C 34 12.67 -27.26 -25.85
N LEU C 35 13.27 -26.82 -24.74
CA LEU C 35 14.67 -26.39 -24.75
C LEU C 35 15.62 -27.58 -24.91
N LYS C 36 15.25 -28.73 -24.36
CA LYS C 36 16.04 -29.95 -24.52
C LYS C 36 16.05 -30.38 -25.99
N GLN C 37 14.89 -30.30 -26.63
CA GLN C 37 14.72 -30.73 -28.02
C GLN C 37 15.31 -29.77 -29.05
N THR C 38 15.70 -28.57 -28.63
CA THR C 38 16.32 -27.59 -29.53
C THR C 38 17.80 -27.35 -29.24
N GLY C 39 18.45 -28.30 -28.54
CA GLY C 39 19.88 -28.26 -28.31
C GLY C 39 20.36 -27.39 -27.16
N HIS C 40 19.46 -26.96 -26.29
CA HIS C 40 19.80 -26.16 -25.12
C HIS C 40 19.78 -27.00 -23.84
N GLU C 41 20.28 -26.43 -22.74
CA GLU C 41 20.45 -27.13 -21.47
C GLU C 41 19.67 -26.44 -20.33
N PRO C 42 18.38 -26.78 -20.17
CA PRO C 42 17.57 -26.19 -19.09
C PRO C 42 17.92 -26.74 -17.71
N ILE C 43 18.03 -25.84 -16.73
CA ILE C 43 18.30 -26.20 -15.34
C ILE C 43 17.16 -25.67 -14.48
N ASP C 44 16.42 -26.59 -13.85
CA ASP C 44 15.24 -26.24 -13.08
C ASP C 44 15.60 -25.78 -11.66
N CYS C 45 15.09 -24.61 -11.28
CA CYS C 45 15.30 -24.05 -9.94
C CYS C 45 14.03 -24.15 -9.08
N GLY C 46 13.05 -24.89 -9.57
CA GLY C 46 11.77 -25.03 -8.88
C GLY C 46 10.77 -24.00 -9.40
N ALA C 47 9.47 -24.16 -9.14
CA ALA C 47 8.94 -25.22 -8.29
C ALA C 47 9.00 -26.57 -9.00
N LEU C 48 9.27 -27.62 -8.24
CA LEU C 48 9.43 -28.97 -8.78
C LEU C 48 8.07 -29.66 -8.97
N ARG C 49 7.09 -29.29 -8.15
CA ARG C 49 5.71 -29.75 -8.33
C ARG C 49 4.72 -28.59 -8.26
N TYR C 50 3.45 -28.88 -8.56
CA TYR C 50 2.39 -27.87 -8.49
C TYR C 50 1.91 -27.72 -7.05
N ASP C 51 2.15 -26.55 -6.48
CA ASP C 51 1.62 -26.18 -5.17
C ASP C 51 0.86 -24.87 -5.39
N ALA C 52 -0.46 -24.93 -5.28
CA ALA C 52 -1.35 -23.81 -5.62
C ALA C 52 -1.09 -22.53 -4.83
N ASP C 53 -0.47 -22.64 -3.66
CA ASP C 53 -0.27 -21.52 -2.74
C ASP C 53 1.17 -21.06 -2.58
N ASP C 54 2.11 -21.64 -3.33
CA ASP C 54 3.53 -21.28 -3.16
C ASP C 54 3.84 -19.87 -3.68
N ASP C 55 5.02 -19.37 -3.33
CA ASP C 55 5.40 -17.97 -3.53
C ASP C 55 6.54 -17.85 -4.53
N TYR C 56 6.36 -16.96 -5.50
CA TYR C 56 7.30 -16.80 -6.62
C TYR C 56 8.69 -16.24 -6.28
N PRO C 57 8.81 -15.30 -5.33
CA PRO C 57 10.08 -14.58 -5.14
C PRO C 57 11.32 -15.48 -5.02
N ALA C 58 11.25 -16.55 -4.24
CA ALA C 58 12.40 -17.40 -4.01
C ALA C 58 12.90 -18.08 -5.28
N PHE C 59 11.97 -18.53 -6.12
CA PHE C 59 12.31 -19.18 -7.39
C PHE C 59 12.93 -18.22 -8.41
N CYS C 60 12.50 -16.96 -8.39
CA CYS C 60 13.00 -15.96 -9.33
C CYS C 60 14.34 -15.40 -8.91
N ILE C 61 14.55 -15.28 -7.60
CA ILE C 61 15.82 -14.83 -7.05
C ILE C 61 16.91 -15.88 -7.24
N ALA C 62 16.53 -17.16 -7.18
CA ALA C 62 17.46 -18.27 -7.36
C ALA C 62 17.92 -18.34 -8.81
N ALA C 63 16.97 -18.26 -9.72
CA ALA C 63 17.25 -18.34 -11.16
C ALA C 63 18.06 -17.13 -11.65
N ALA C 64 17.79 -15.96 -11.09
CA ALA C 64 18.48 -14.73 -11.48
C ALA C 64 19.88 -14.65 -10.88
N THR C 65 20.01 -15.10 -9.63
CA THR C 65 21.30 -15.11 -8.93
C THR C 65 22.29 -16.03 -9.65
N ARG C 66 21.81 -17.19 -10.10
CA ARG C 66 22.65 -18.17 -10.77
C ARG C 66 23.01 -17.73 -12.18
N THR C 67 22.06 -17.09 -12.87
CA THR C 67 22.30 -16.54 -14.21
C THR C 67 23.42 -15.51 -14.20
N VAL C 68 23.43 -14.66 -13.18
CA VAL C 68 24.41 -13.58 -13.05
C VAL C 68 25.81 -14.12 -12.68
N ALA C 69 25.83 -15.16 -11.85
CA ALA C 69 27.10 -15.78 -11.42
C ALA C 69 27.67 -16.73 -12.49
N ASP C 70 26.92 -16.93 -13.58
CA ASP C 70 27.31 -17.83 -14.67
C ASP C 70 27.25 -17.06 -16.00
N PRO C 71 28.24 -16.20 -16.26
CA PRO C 71 28.25 -15.37 -17.49
C PRO C 71 28.08 -16.17 -18.78
N GLY C 72 27.21 -15.71 -19.66
CA GLY C 72 26.91 -16.40 -20.90
C GLY C 72 25.65 -17.25 -20.83
N SER C 73 25.10 -17.39 -19.63
CA SER C 73 23.86 -18.12 -19.42
C SER C 73 22.69 -17.15 -19.49
N LEU C 74 21.50 -17.69 -19.75
CA LEU C 74 20.26 -16.93 -19.73
C LEU C 74 19.33 -17.47 -18.66
N GLY C 75 18.14 -16.89 -18.54
CA GLY C 75 17.18 -17.29 -17.54
C GLY C 75 15.75 -16.93 -17.93
N ILE C 76 14.80 -17.75 -17.51
CA ILE C 76 13.38 -17.50 -17.76
C ILE C 76 12.61 -17.72 -16.46
N VAL C 77 11.85 -16.72 -16.05
CA VAL C 77 10.98 -16.82 -14.86
C VAL C 77 9.53 -16.69 -15.28
N LEU C 78 8.67 -17.57 -14.75
CA LEU C 78 7.29 -17.72 -15.22
C LEU C 78 6.30 -17.49 -14.08
N GLY C 79 5.22 -16.77 -14.38
CA GLY C 79 4.12 -16.58 -13.45
C GLY C 79 2.80 -16.52 -14.17
N GLY C 80 1.84 -15.79 -13.62
CA GLY C 80 0.56 -15.57 -14.25
C GLY C 80 0.66 -14.51 -15.33
N SER C 81 1.12 -13.33 -14.92
CA SER C 81 1.39 -12.22 -15.83
C SER C 81 2.88 -12.07 -16.12
N GLY C 82 3.70 -12.69 -15.26
CA GLY C 82 5.15 -12.61 -15.39
C GLY C 82 5.77 -11.34 -14.81
N ASN C 83 4.95 -10.48 -14.21
CA ASN C 83 5.39 -9.17 -13.77
C ASN C 83 5.96 -9.16 -12.35
N GLY C 84 5.34 -9.90 -11.45
CA GLY C 84 5.90 -10.10 -10.13
C GLY C 84 7.25 -10.79 -10.21
N GLU C 85 7.41 -11.64 -11.21
CA GLU C 85 8.60 -12.47 -11.38
C GLU C 85 9.79 -11.66 -11.89
N GLN C 86 9.55 -10.82 -12.89
CA GLN C 86 10.60 -9.94 -13.42
C GLN C 86 11.01 -8.90 -12.37
N ILE C 87 10.06 -8.41 -11.58
CA ILE C 87 10.35 -7.46 -10.51
C ILE C 87 11.30 -8.08 -9.48
N ALA C 88 11.05 -9.34 -9.14
CA ALA C 88 11.86 -10.06 -8.16
C ALA C 88 13.28 -10.30 -8.68
N ALA C 89 13.39 -10.71 -9.94
CA ALA C 89 14.69 -11.01 -10.56
C ALA C 89 15.55 -9.76 -10.71
N ASN C 90 14.91 -8.62 -10.89
CA ASN C 90 15.59 -7.34 -11.06
C ASN C 90 16.18 -6.80 -9.75
N LYS C 91 15.70 -7.29 -8.61
CA LYS C 91 16.29 -6.95 -7.31
C LYS C 91 17.66 -7.62 -7.09
N VAL C 92 17.94 -8.68 -7.84
CA VAL C 92 19.23 -9.35 -7.77
C VAL C 92 20.29 -8.46 -8.42
N PRO C 93 21.38 -8.14 -7.71
CA PRO C 93 22.48 -7.34 -8.28
C PRO C 93 23.07 -7.95 -9.56
N GLY C 94 23.21 -7.12 -10.59
CA GLY C 94 23.79 -7.53 -11.86
C GLY C 94 22.77 -8.09 -12.85
N ALA C 95 21.52 -8.23 -12.42
CA ALA C 95 20.48 -8.87 -13.22
C ALA C 95 19.64 -7.85 -13.97
N ARG C 96 19.24 -8.20 -15.19
CA ARG C 96 18.39 -7.38 -16.03
C ARG C 96 17.32 -8.29 -16.62
N CYS C 97 16.10 -8.15 -16.14
CA CYS C 97 15.00 -9.02 -16.55
C CYS C 97 13.88 -8.20 -17.20
N ALA C 98 13.71 -8.39 -18.49
CA ALA C 98 12.64 -7.77 -19.25
C ALA C 98 11.40 -8.65 -19.19
N LEU C 99 10.22 -8.06 -19.34
CA LEU C 99 9.00 -8.82 -19.57
C LEU C 99 8.79 -9.02 -21.06
N ALA C 100 8.92 -10.27 -21.51
CA ALA C 100 8.68 -10.65 -22.90
C ALA C 100 7.24 -11.11 -23.10
N TRP C 101 6.47 -10.33 -23.85
CA TRP C 101 5.07 -10.66 -24.18
C TRP C 101 4.88 -10.87 -25.68
N SER C 102 5.98 -10.91 -26.42
CA SER C 102 5.95 -11.13 -27.87
C SER C 102 7.35 -11.46 -28.39
N VAL C 103 7.41 -11.85 -29.67
CA VAL C 103 8.70 -12.19 -30.31
C VAL C 103 9.59 -10.95 -30.42
N GLN C 104 8.98 -9.79 -30.66
CA GLN C 104 9.74 -8.55 -30.84
C GLN C 104 10.35 -8.07 -29.51
N THR C 105 9.59 -8.12 -28.43
CA THR C 105 10.09 -7.68 -27.12
C THR C 105 11.10 -8.66 -26.54
N ALA C 106 11.01 -9.93 -26.94
CA ALA C 106 11.99 -10.93 -26.54
C ALA C 106 13.34 -10.68 -27.21
N ALA C 107 13.29 -10.34 -28.49
CA ALA C 107 14.50 -10.07 -29.27
C ALA C 107 15.14 -8.76 -28.85
N LEU C 108 14.33 -7.72 -28.72
CA LEU C 108 14.79 -6.41 -28.27
C LEU C 108 15.40 -6.45 -26.88
N ALA C 109 14.89 -7.33 -26.02
CA ALA C 109 15.45 -7.51 -24.69
C ALA C 109 16.92 -7.94 -24.79
N ARG C 110 17.21 -8.87 -25.68
CA ARG C 110 18.59 -9.30 -25.93
C ARG C 110 19.44 -8.24 -26.64
N GLU C 111 18.89 -7.64 -27.69
CA GLU C 111 19.66 -6.73 -28.56
C GLU C 111 20.02 -5.40 -27.89
N HIS C 112 19.03 -4.80 -27.22
CA HIS C 112 19.19 -3.45 -26.65
C HIS C 112 19.55 -3.50 -25.17
N ASN C 113 18.84 -4.32 -24.41
CA ASN C 113 19.00 -4.34 -22.95
C ASN C 113 20.03 -5.35 -22.42
N ASN C 114 20.49 -6.27 -23.27
CA ASN C 114 21.35 -7.38 -22.84
C ASN C 114 20.74 -8.11 -21.63
N ALA C 115 19.43 -8.31 -21.68
CA ALA C 115 18.71 -8.93 -20.58
C ALA C 115 19.04 -10.42 -20.51
N GLN C 116 19.68 -10.83 -19.42
CA GLN C 116 20.00 -12.24 -19.20
C GLN C 116 18.74 -13.03 -18.87
N LEU C 117 17.68 -12.35 -18.43
CA LEU C 117 16.42 -13.00 -18.08
C LEU C 117 15.20 -12.32 -18.71
N ILE C 118 14.15 -13.13 -18.92
CA ILE C 118 12.84 -12.60 -19.29
C ILE C 118 11.76 -13.23 -18.42
N GLY C 119 10.72 -12.44 -18.12
CA GLY C 119 9.52 -12.97 -17.50
C GLY C 119 8.49 -13.25 -18.58
N ILE C 120 7.75 -14.35 -18.43
CA ILE C 120 6.61 -14.64 -19.31
C ILE C 120 5.40 -14.98 -18.44
N GLY C 121 4.25 -14.45 -18.82
CA GLY C 121 2.98 -14.77 -18.17
C GLY C 121 2.30 -15.92 -18.89
N GLY C 122 2.19 -17.07 -18.22
CA GLY C 122 1.53 -18.24 -18.78
C GLY C 122 0.04 -18.09 -19.05
N ARG C 123 -0.62 -17.23 -18.30
CA ARG C 123 -2.05 -16.94 -18.51
C ARG C 123 -2.32 -16.02 -19.70
N MET C 124 -1.27 -15.43 -20.26
CA MET C 124 -1.40 -14.39 -21.28
C MET C 124 -1.29 -14.91 -22.71
N HIS C 125 -0.60 -16.03 -22.89
CA HIS C 125 -0.38 -16.60 -24.23
C HIS C 125 -0.85 -18.05 -24.34
N THR C 126 -0.96 -18.53 -25.57
CA THR C 126 -1.10 -19.96 -25.84
C THR C 126 0.28 -20.60 -25.70
N VAL C 127 0.35 -21.92 -25.80
CA VAL C 127 1.61 -22.64 -25.66
C VAL C 127 2.55 -22.33 -26.82
N ALA C 128 1.99 -22.27 -28.03
CA ALA C 128 2.77 -22.00 -29.23
C ALA C 128 3.36 -20.58 -29.22
N GLU C 129 2.55 -19.63 -28.77
CA GLU C 129 2.99 -18.23 -28.66
C GLU C 129 4.10 -18.07 -27.63
N ALA C 130 3.98 -18.78 -26.51
CA ALA C 130 4.97 -18.69 -25.43
C ALA C 130 6.30 -19.32 -25.82
N LEU C 131 6.25 -20.37 -26.64
CA LEU C 131 7.46 -21.06 -27.08
C LEU C 131 8.16 -20.30 -28.20
N ALA C 132 7.40 -19.53 -28.97
CA ALA C 132 7.96 -18.66 -29.99
C ALA C 132 8.73 -17.50 -29.34
N ILE C 133 8.22 -17.04 -28.19
CA ILE C 133 8.90 -16.01 -27.41
C ILE C 133 10.22 -16.54 -26.85
N VAL C 134 10.21 -17.79 -26.41
CA VAL C 134 11.41 -18.44 -25.88
C VAL C 134 12.47 -18.63 -26.97
N ASP C 135 12.03 -18.98 -28.18
CA ASP C 135 12.95 -19.18 -29.31
C ASP C 135 13.68 -17.88 -29.65
N ALA C 136 12.93 -16.78 -29.67
CA ALA C 136 13.50 -15.47 -29.97
C ALA C 136 14.50 -15.03 -28.91
N PHE C 137 14.23 -15.39 -27.66
CA PHE C 137 15.05 -14.97 -26.53
C PHE C 137 16.42 -15.67 -26.49
N VAL C 138 16.44 -16.96 -26.78
CA VAL C 138 17.66 -17.77 -26.68
C VAL C 138 18.54 -17.75 -27.94
N THR C 139 17.99 -17.25 -29.06
CA THR C 139 18.72 -17.22 -30.34
C THR C 139 19.16 -15.82 -30.77
N THR C 140 18.49 -14.79 -30.27
CA THR C 140 18.83 -13.41 -30.61
C THR C 140 20.09 -12.99 -29.84
N PRO C 141 21.11 -12.50 -30.54
CA PRO C 141 22.36 -12.09 -29.89
C PRO C 141 22.31 -10.68 -29.28
N TRP C 142 23.16 -10.47 -28.29
CA TRP C 142 23.40 -9.16 -27.69
C TRP C 142 24.22 -8.35 -28.70
N SER C 143 23.69 -7.19 -29.09
CA SER C 143 24.26 -6.41 -30.19
C SER C 143 25.61 -5.77 -29.85
N LYS C 144 25.84 -5.49 -28.57
CA LYS C 144 27.09 -4.87 -28.09
C LYS C 144 27.26 -3.42 -28.56
N ALA C 145 26.18 -2.79 -29.03
CA ALA C 145 26.25 -1.42 -29.55
C ALA C 145 26.63 -0.45 -28.44
N GLN C 146 27.35 0.59 -28.82
CA GLN C 146 27.99 1.52 -27.88
C GLN C 146 27.00 2.17 -26.92
N ARG C 147 25.89 2.68 -27.46
CA ARG C 147 24.89 3.40 -26.67
C ARG C 147 24.14 2.47 -25.72
N HIS C 148 23.93 1.23 -26.13
CA HIS C 148 23.26 0.23 -25.30
C HIS C 148 24.12 -0.17 -24.10
N GLN C 149 25.41 -0.40 -24.35
CA GLN C 149 26.35 -0.75 -23.29
C GLN C 149 26.56 0.42 -22.33
N ARG C 150 26.46 1.65 -22.85
CA ARG C 150 26.63 2.84 -22.04
C ARG C 150 25.50 2.97 -21.02
N ARG C 151 24.28 2.64 -21.43
CA ARG C 151 23.10 2.72 -20.58
C ARG C 151 23.09 1.61 -19.52
N ILE C 152 23.52 0.42 -19.93
CA ILE C 152 23.68 -0.72 -19.04
C ILE C 152 24.69 -0.40 -17.94
N ASP C 153 25.79 0.27 -18.32
CA ASP C 153 26.86 0.60 -17.39
C ASP C 153 26.45 1.70 -16.40
N ILE C 154 25.59 2.62 -16.84
CA ILE C 154 25.07 3.67 -15.97
C ILE C 154 24.22 3.04 -14.88
N LEU C 155 23.37 2.10 -15.27
CA LEU C 155 22.50 1.41 -14.33
C LEU C 155 23.30 0.53 -13.37
N ALA C 156 24.37 -0.08 -13.85
CA ALA C 156 25.23 -0.92 -13.01
C ALA C 156 25.97 -0.07 -11.98
N GLU C 157 26.32 1.15 -12.36
CA GLU C 157 26.97 2.09 -11.46
C GLU C 157 26.01 2.57 -10.38
N TYR C 158 24.72 2.65 -10.70
CA TYR C 158 23.70 3.02 -9.73
C TYR C 158 23.44 1.89 -8.74
N GLU C 159 23.53 0.64 -9.19
CA GLU C 159 23.37 -0.52 -8.31
C GLU C 159 24.48 -0.56 -7.26
N ARG C 160 25.69 -0.16 -7.65
CA ARG C 160 26.86 -0.18 -6.78
C ARG C 160 26.79 0.88 -5.68
N THR C 161 26.38 2.09 -6.04
CA THR C 161 26.47 3.25 -5.13
C THR C 161 25.12 3.70 -4.56
N HIS C 162 24.03 3.37 -5.25
CA HIS C 162 22.69 3.92 -4.99
C HIS C 162 22.69 5.46 -4.93
N GLU C 163 23.50 6.07 -5.80
CA GLU C 163 23.54 7.52 -5.94
C GLU C 163 22.95 7.84 -7.32
N ALA C 164 21.78 8.48 -7.31
CA ALA C 164 21.05 8.75 -8.55
C ALA C 164 21.88 9.62 -9.48
N PRO C 165 22.03 9.20 -10.74
CA PRO C 165 22.79 9.99 -11.72
C PRO C 165 22.03 11.25 -12.11
N PRO C 166 22.74 12.31 -12.49
CA PRO C 166 22.11 13.61 -12.79
C PRO C 166 21.15 13.51 -13.98
N VAL C 167 20.06 14.26 -13.91
CA VAL C 167 19.05 14.27 -14.97
C VAL C 167 19.36 15.38 -15.97
N PRO C 168 19.64 15.02 -17.23
CA PRO C 168 19.89 16.02 -18.27
C PRO C 168 18.72 17.01 -18.42
N GLY C 169 19.01 18.30 -18.28
CA GLY C 169 18.00 19.33 -18.37
C GLY C 169 17.06 19.37 -17.17
N ALA C 170 17.61 19.16 -15.98
CA ALA C 170 16.84 19.16 -14.74
C ALA C 170 16.33 20.56 -14.42
N SER D 12 -9.53 9.99 -5.54
CA SER D 12 -9.77 9.88 -7.01
C SER D 12 -8.54 10.30 -7.80
N GLY D 13 -8.11 11.55 -7.61
CA GLY D 13 -6.93 12.08 -8.28
C GLY D 13 -5.66 11.43 -7.75
N MET D 14 -4.68 11.25 -8.63
CA MET D 14 -3.44 10.56 -8.29
C MET D 14 -2.24 11.36 -8.78
N ARG D 15 -1.27 11.59 -7.91
CA ARG D 15 0.02 12.14 -8.31
C ARG D 15 0.78 11.07 -9.09
N VAL D 16 1.35 11.45 -10.23
CA VAL D 16 2.05 10.52 -11.11
C VAL D 16 3.35 11.14 -11.61
N TYR D 17 4.48 10.57 -11.20
CA TYR D 17 5.80 10.97 -11.68
C TYR D 17 6.12 10.25 -12.98
N LEU D 18 6.32 11.01 -14.06
CA LEU D 18 6.62 10.43 -15.37
C LEU D 18 8.08 10.65 -15.77
N GLY D 19 8.68 9.62 -16.36
CA GLY D 19 10.03 9.70 -16.90
C GLY D 19 10.08 9.05 -18.27
N ALA D 20 11.01 9.49 -19.12
CA ALA D 20 11.13 8.95 -20.46
C ALA D 20 12.44 9.35 -21.15
N ASP D 21 12.89 8.49 -22.07
CA ASP D 21 13.94 8.87 -23.01
C ASP D 21 13.31 9.32 -24.32
N HIS D 22 14.14 9.56 -25.33
CA HIS D 22 13.70 10.02 -26.65
C HIS D 22 12.65 9.12 -27.31
N ALA D 23 12.76 7.81 -27.10
CA ALA D 23 11.86 6.85 -27.73
C ALA D 23 10.44 6.93 -27.17
N GLY D 24 10.32 7.24 -25.88
CA GLY D 24 9.04 7.42 -25.23
C GLY D 24 8.67 8.86 -24.96
N TYR D 25 9.45 9.80 -25.49
CA TYR D 25 9.26 11.22 -25.18
C TYR D 25 7.91 11.77 -25.65
N GLU D 26 7.57 11.51 -26.90
CA GLU D 26 6.35 12.06 -27.49
C GLU D 26 5.09 11.50 -26.82
N LEU D 27 5.11 10.21 -26.49
CA LEU D 27 4.00 9.59 -25.79
C LEU D 27 3.87 10.12 -24.36
N LYS D 28 4.99 10.49 -23.74
CA LYS D 28 4.99 11.05 -22.39
C LYS D 28 4.23 12.38 -22.35
N GLN D 29 4.42 13.22 -23.35
CA GLN D 29 3.72 14.50 -23.43
C GLN D 29 2.21 14.30 -23.62
N ARG D 30 1.84 13.26 -24.37
CA ARG D 30 0.43 12.91 -24.58
C ARG D 30 -0.23 12.33 -23.33
N ILE D 31 0.54 11.64 -22.51
CA ILE D 31 0.04 11.05 -21.27
C ILE D 31 -0.11 12.12 -20.19
N ILE D 32 0.82 13.08 -20.17
CA ILE D 32 0.76 14.20 -19.23
C ILE D 32 -0.51 15.02 -19.49
N GLU D 33 -0.81 15.25 -20.77
CA GLU D 33 -2.00 15.99 -21.16
C GLU D 33 -3.26 15.22 -20.77
N HIS D 34 -3.29 13.92 -21.06
CA HIS D 34 -4.45 13.07 -20.76
C HIS D 34 -4.73 13.00 -19.25
N LEU D 35 -3.67 12.95 -18.45
CA LEU D 35 -3.79 12.87 -17.00
C LEU D 35 -4.31 14.19 -16.40
N LYS D 36 -3.92 15.31 -17.01
CA LYS D 36 -4.45 16.61 -16.61
C LYS D 36 -5.95 16.71 -16.89
N GLN D 37 -6.39 16.09 -17.99
CA GLN D 37 -7.79 16.14 -18.41
C GLN D 37 -8.70 15.22 -17.58
N THR D 38 -8.11 14.21 -16.93
CA THR D 38 -8.88 13.23 -16.16
C THR D 38 -8.76 13.40 -14.64
N GLY D 39 -8.29 14.56 -14.20
CA GLY D 39 -8.29 14.92 -12.78
C GLY D 39 -7.07 14.52 -11.98
N HIS D 40 -6.06 13.93 -12.64
CA HIS D 40 -4.82 13.52 -11.99
C HIS D 40 -3.74 14.61 -12.11
N GLU D 41 -2.66 14.43 -11.37
CA GLU D 41 -1.59 15.43 -11.23
C GLU D 41 -0.25 14.88 -11.73
N PRO D 42 0.07 15.08 -13.01
CA PRO D 42 1.34 14.61 -13.56
C PRO D 42 2.51 15.51 -13.21
N ILE D 43 3.69 14.91 -12.98
CA ILE D 43 4.92 15.64 -12.68
C ILE D 43 6.04 15.11 -13.56
N ASP D 44 6.57 15.98 -14.41
CA ASP D 44 7.56 15.60 -15.41
C ASP D 44 8.97 15.57 -14.80
N CYS D 45 9.59 14.39 -14.79
CA CYS D 45 10.97 14.23 -14.32
C CYS D 45 12.00 14.34 -15.46
N GLY D 46 11.51 14.51 -16.69
CA GLY D 46 12.36 14.52 -17.87
C GLY D 46 12.16 13.26 -18.68
N ALA D 47 12.56 13.24 -19.96
CA ALA D 47 13.27 14.34 -20.61
C ALA D 47 12.28 15.43 -21.01
N LEU D 48 12.71 16.68 -20.88
CA LEU D 48 11.87 17.84 -21.18
C LEU D 48 11.83 18.13 -22.69
N ARG D 49 12.90 17.79 -23.40
CA ARG D 49 12.98 17.94 -24.85
C ARG D 49 13.35 16.62 -25.51
N TYR D 50 13.10 16.53 -26.81
CA TYR D 50 13.55 15.38 -27.59
C TYR D 50 15.05 15.48 -27.84
N ASP D 51 15.78 14.45 -27.41
CA ASP D 51 17.22 14.32 -27.70
C ASP D 51 17.44 12.85 -28.11
N ALA D 52 17.68 12.63 -29.40
CA ALA D 52 17.71 11.28 -29.97
C ALA D 52 18.76 10.35 -29.38
N ASP D 53 19.80 10.90 -28.75
CA ASP D 53 20.90 10.11 -28.21
C ASP D 53 20.87 9.92 -26.69
N ASP D 54 19.84 10.43 -26.01
CA ASP D 54 19.83 10.44 -24.55
C ASP D 54 19.57 9.06 -23.94
N ASP D 55 19.91 8.94 -22.67
CA ASP D 55 19.97 7.65 -21.97
C ASP D 55 18.85 7.54 -20.95
N TYR D 56 18.09 6.44 -21.05
CA TYR D 56 16.90 6.23 -20.22
C TYR D 56 17.14 6.12 -18.70
N PRO D 57 18.23 5.50 -18.25
CA PRO D 57 18.39 5.19 -16.82
C PRO D 57 18.15 6.35 -15.85
N ALA D 58 18.72 7.52 -16.14
CA ALA D 58 18.64 8.66 -15.21
C ALA D 58 17.21 9.14 -15.00
N PHE D 59 16.41 9.13 -16.07
CA PHE D 59 15.01 9.57 -16.02
C PHE D 59 14.13 8.58 -15.25
N CYS D 60 14.41 7.28 -15.41
CA CYS D 60 13.63 6.24 -14.76
C CYS D 60 13.93 6.14 -13.27
N ILE D 61 15.20 6.30 -12.91
CA ILE D 61 15.62 6.28 -11.50
C ILE D 61 15.05 7.49 -10.77
N ALA D 62 14.99 8.63 -11.45
CA ALA D 62 14.45 9.85 -10.86
C ALA D 62 12.94 9.70 -10.58
N ALA D 63 12.20 9.15 -11.54
CA ALA D 63 10.76 8.96 -11.39
C ALA D 63 10.43 7.92 -10.32
N ALA D 64 11.24 6.87 -10.26
CA ALA D 64 11.03 5.78 -9.30
C ALA D 64 11.43 6.18 -7.89
N THR D 65 12.51 6.95 -7.76
CA THR D 65 12.97 7.42 -6.45
C THR D 65 11.95 8.37 -5.83
N ARG D 66 11.43 9.30 -6.63
CA ARG D 66 10.44 10.27 -6.17
C ARG D 66 9.09 9.61 -5.85
N THR D 67 8.76 8.53 -6.54
CA THR D 67 7.53 7.80 -6.30
C THR D 67 7.56 7.08 -4.94
N VAL D 68 8.70 6.48 -4.62
CA VAL D 68 8.88 5.75 -3.37
C VAL D 68 8.92 6.71 -2.17
N ALA D 69 9.58 7.87 -2.36
CA ALA D 69 9.70 8.88 -1.30
C ALA D 69 8.42 9.68 -1.07
N ASP D 70 7.42 9.46 -1.92
CA ASP D 70 6.14 10.15 -1.84
C ASP D 70 5.02 9.11 -1.86
N PRO D 71 4.82 8.42 -0.73
CA PRO D 71 3.85 7.32 -0.67
C PRO D 71 2.43 7.74 -1.09
N GLY D 72 1.75 6.87 -1.84
CA GLY D 72 0.44 7.18 -2.38
C GLY D 72 0.52 7.64 -3.82
N SER D 73 1.68 8.13 -4.23
CA SER D 73 1.93 8.49 -5.62
C SER D 73 2.19 7.24 -6.45
N LEU D 74 2.00 7.39 -7.77
CA LEU D 74 2.32 6.37 -8.75
C LEU D 74 3.38 6.95 -9.69
N GLY D 75 3.75 6.18 -10.71
CA GLY D 75 4.76 6.60 -11.65
C GLY D 75 4.69 5.82 -12.95
N ILE D 76 5.08 6.45 -14.05
CA ILE D 76 5.11 5.80 -15.36
C ILE D 76 6.42 6.15 -16.04
N VAL D 77 7.11 5.13 -16.56
CA VAL D 77 8.36 5.31 -17.29
C VAL D 77 8.21 4.78 -18.71
N LEU D 78 8.64 5.56 -19.70
CA LEU D 78 8.38 5.28 -21.10
C LEU D 78 9.68 5.13 -21.90
N GLY D 79 9.72 4.13 -22.77
CA GLY D 79 10.80 3.99 -23.74
C GLY D 79 10.31 3.37 -25.04
N GLY D 80 11.20 2.67 -25.75
CA GLY D 80 10.83 2.01 -26.99
C GLY D 80 9.94 0.82 -26.70
N SER D 81 10.46 -0.10 -25.89
CA SER D 81 9.73 -1.29 -25.45
C SER D 81 9.20 -1.12 -24.02
N GLY D 82 9.79 -0.19 -23.27
CA GLY D 82 9.48 -0.04 -21.85
C GLY D 82 10.30 -0.95 -20.95
N ASN D 83 11.08 -1.87 -21.53
CA ASN D 83 11.76 -2.90 -20.76
C ASN D 83 13.02 -2.43 -20.06
N GLY D 84 13.88 -1.72 -20.78
CA GLY D 84 15.04 -1.12 -20.16
C GLY D 84 14.64 -0.13 -19.07
N GLU D 85 13.46 0.46 -19.23
CA GLU D 85 12.97 1.49 -18.32
C GLU D 85 12.47 0.89 -17.00
N GLN D 86 11.73 -0.22 -17.08
CA GLN D 86 11.23 -0.89 -15.88
C GLN D 86 12.36 -1.59 -15.12
N ILE D 87 13.41 -2.00 -15.84
CA ILE D 87 14.57 -2.62 -15.23
C ILE D 87 15.30 -1.60 -14.35
N ALA D 88 15.48 -0.40 -14.90
CA ALA D 88 16.13 0.70 -14.18
C ALA D 88 15.33 1.14 -12.95
N ALA D 89 14.01 1.21 -13.10
CA ALA D 89 13.13 1.62 -12.01
C ALA D 89 13.14 0.61 -10.87
N ASN D 90 13.30 -0.67 -11.23
CA ASN D 90 13.30 -1.76 -10.26
C ASN D 90 14.60 -1.86 -9.45
N LYS D 91 15.64 -1.15 -9.89
CA LYS D 91 16.88 -1.07 -9.12
C LYS D 91 16.79 -0.08 -7.96
N VAL D 92 15.77 0.78 -7.98
CA VAL D 92 15.55 1.74 -6.89
C VAL D 92 14.98 1.02 -5.67
N PRO D 93 15.57 1.22 -4.49
CA PRO D 93 15.03 0.63 -3.25
C PRO D 93 13.57 1.01 -2.99
N GLY D 94 12.71 0.02 -2.78
CA GLY D 94 11.31 0.25 -2.48
C GLY D 94 10.38 0.22 -3.69
N ALA D 95 10.96 0.33 -4.88
CA ALA D 95 10.20 0.44 -6.13
C ALA D 95 9.81 -0.94 -6.68
N ARG D 96 8.66 -0.97 -7.33
CA ARG D 96 8.14 -2.17 -7.99
C ARG D 96 7.50 -1.70 -9.29
N CYS D 97 8.17 -2.00 -10.41
CA CYS D 97 7.74 -1.56 -11.72
C CYS D 97 7.41 -2.75 -12.62
N ALA D 98 6.12 -2.92 -12.92
CA ALA D 98 5.66 -3.91 -13.88
C ALA D 98 5.77 -3.32 -15.28
N LEU D 99 5.85 -4.18 -16.30
CA LEU D 99 5.68 -3.76 -17.67
C LEU D 99 4.22 -3.95 -18.08
N ALA D 100 3.53 -2.84 -18.35
CA ALA D 100 2.15 -2.86 -18.80
C ALA D 100 2.08 -2.81 -20.33
N TRP D 101 1.63 -3.90 -20.94
CA TRP D 101 1.43 -3.98 -22.39
C TRP D 101 -0.03 -4.21 -22.77
N SER D 102 -0.92 -4.11 -21.77
CA SER D 102 -2.35 -4.27 -21.98
C SER D 102 -3.14 -3.74 -20.78
N VAL D 103 -4.45 -3.58 -20.96
CA VAL D 103 -5.34 -3.16 -19.87
C VAL D 103 -5.32 -4.18 -18.74
N GLN D 104 -5.24 -5.46 -19.09
CA GLN D 104 -5.23 -6.53 -18.10
C GLN D 104 -3.99 -6.51 -17.20
N THR D 105 -2.81 -6.32 -17.79
CA THR D 105 -1.54 -6.35 -17.03
C THR D 105 -1.30 -5.07 -16.23
N ALA D 106 -1.84 -3.95 -16.70
CA ALA D 106 -1.79 -2.70 -15.94
C ALA D 106 -2.62 -2.80 -14.67
N ALA D 107 -3.78 -3.43 -14.79
CA ALA D 107 -4.69 -3.62 -13.67
C ALA D 107 -4.12 -4.63 -12.67
N LEU D 108 -3.55 -5.71 -13.18
CA LEU D 108 -2.96 -6.76 -12.35
C LEU D 108 -1.69 -6.28 -11.65
N ALA D 109 -1.01 -5.30 -12.24
CA ALA D 109 0.19 -4.72 -11.63
C ALA D 109 -0.17 -4.06 -10.30
N ARG D 110 -1.32 -3.40 -10.27
CA ARG D 110 -1.83 -2.77 -9.05
C ARG D 110 -2.41 -3.80 -8.09
N GLU D 111 -3.33 -4.63 -8.61
CA GLU D 111 -4.06 -5.62 -7.81
C GLU D 111 -3.16 -6.64 -7.11
N HIS D 112 -2.22 -7.22 -7.86
CA HIS D 112 -1.41 -8.32 -7.36
C HIS D 112 -0.04 -7.87 -6.85
N ASN D 113 0.64 -7.01 -7.61
CA ASN D 113 2.01 -6.62 -7.28
C ASN D 113 2.15 -5.33 -6.46
N ASN D 114 1.05 -4.60 -6.29
CA ASN D 114 1.07 -3.28 -5.65
C ASN D 114 2.14 -2.38 -6.30
N ALA D 115 2.28 -2.48 -7.62
CA ALA D 115 3.28 -1.73 -8.36
C ALA D 115 2.97 -0.24 -8.33
N GLN D 116 3.93 0.55 -7.87
CA GLN D 116 3.79 2.00 -7.84
C GLN D 116 4.11 2.56 -9.22
N LEU D 117 4.82 1.78 -10.03
CA LEU D 117 5.23 2.20 -11.38
C LEU D 117 4.91 1.16 -12.44
N ILE D 118 4.74 1.62 -13.67
CA ILE D 118 4.69 0.74 -14.83
C ILE D 118 5.57 1.28 -15.96
N GLY D 119 6.08 0.37 -16.79
CA GLY D 119 6.77 0.73 -18.01
C GLY D 119 5.81 0.55 -19.17
N ILE D 120 5.89 1.45 -20.14
CA ILE D 120 5.17 1.30 -21.41
C ILE D 120 6.11 1.59 -22.57
N GLY D 121 6.02 0.78 -23.62
CA GLY D 121 6.73 1.04 -24.86
C GLY D 121 5.85 1.84 -25.81
N GLY D 122 6.29 3.04 -26.17
CA GLY D 122 5.56 3.88 -27.11
C GLY D 122 5.55 3.34 -28.52
N ARG D 123 6.58 2.58 -28.89
CA ARG D 123 6.68 1.99 -30.23
C ARG D 123 5.86 0.71 -30.40
N MET D 124 5.25 0.24 -29.32
CA MET D 124 4.48 -1.01 -29.32
C MET D 124 2.97 -0.81 -29.43
N HIS D 125 2.48 0.37 -29.05
CA HIS D 125 1.04 0.65 -29.01
C HIS D 125 0.66 1.91 -29.79
N THR D 126 -0.61 1.98 -30.19
CA THR D 126 -1.20 3.23 -30.69
C THR D 126 -1.46 4.12 -29.48
N VAL D 127 -1.75 5.39 -29.74
CA VAL D 127 -1.99 6.36 -28.67
C VAL D 127 -3.23 5.95 -27.84
N ALA D 128 -4.28 5.51 -28.52
CA ALA D 128 -5.52 5.09 -27.84
C ALA D 128 -5.30 3.89 -26.91
N GLU D 129 -4.50 2.91 -27.36
CA GLU D 129 -4.18 1.73 -26.56
C GLU D 129 -3.32 2.09 -25.34
N ALA D 130 -2.44 3.07 -25.50
CA ALA D 130 -1.52 3.47 -24.43
C ALA D 130 -2.23 4.23 -23.32
N LEU D 131 -3.22 5.04 -23.70
CA LEU D 131 -4.01 5.81 -22.73
C LEU D 131 -5.01 4.91 -22.00
N ALA D 132 -5.38 3.80 -22.63
CA ALA D 132 -6.25 2.81 -21.99
C ALA D 132 -5.46 2.04 -20.92
N ILE D 133 -4.18 1.79 -21.19
CA ILE D 133 -3.27 1.18 -20.22
C ILE D 133 -3.09 2.10 -19.01
N VAL D 134 -2.96 3.41 -19.28
CA VAL D 134 -2.74 4.41 -18.23
C VAL D 134 -3.99 4.54 -17.34
N ASP D 135 -5.17 4.49 -17.94
CA ASP D 135 -6.43 4.60 -17.20
C ASP D 135 -6.59 3.42 -16.25
N ALA D 136 -6.28 2.23 -16.73
CA ALA D 136 -6.34 1.01 -15.94
C ALA D 136 -5.38 1.07 -14.74
N PHE D 137 -4.20 1.64 -14.96
CA PHE D 137 -3.15 1.70 -13.95
C PHE D 137 -3.50 2.65 -12.79
N VAL D 138 -3.99 3.84 -13.12
CA VAL D 138 -4.27 4.87 -12.12
C VAL D 138 -5.63 4.74 -11.41
N THR D 139 -6.49 3.83 -11.87
CA THR D 139 -7.80 3.60 -11.25
C THR D 139 -7.94 2.27 -10.51
N THR D 140 -7.11 1.29 -10.86
CA THR D 140 -7.20 -0.04 -10.27
C THR D 140 -6.57 -0.06 -8.88
N PRO D 141 -7.36 -0.42 -7.86
CA PRO D 141 -6.85 -0.44 -6.48
C PRO D 141 -6.00 -1.66 -6.15
N TRP D 142 -5.13 -1.49 -5.17
CA TRP D 142 -4.32 -2.56 -4.59
C TRP D 142 -5.24 -3.41 -3.71
N SER D 143 -5.26 -4.71 -3.96
CA SER D 143 -6.24 -5.63 -3.36
C SER D 143 -6.00 -5.89 -1.87
N LYS D 144 -4.72 -5.83 -1.45
CA LYS D 144 -4.33 -6.09 -0.06
C LYS D 144 -4.55 -7.54 0.39
N ALA D 145 -4.74 -8.45 -0.57
CA ALA D 145 -4.93 -9.87 -0.27
C ALA D 145 -3.66 -10.44 0.35
N GLN D 146 -3.84 -11.44 1.22
CA GLN D 146 -2.77 -11.90 2.10
C GLN D 146 -1.58 -12.52 1.38
N ARG D 147 -1.85 -13.27 0.31
CA ARG D 147 -0.78 -13.95 -0.43
C ARG D 147 0.07 -12.95 -1.21
N HIS D 148 -0.57 -11.89 -1.71
CA HIS D 148 0.12 -10.84 -2.46
C HIS D 148 1.04 -10.03 -1.55
N GLN D 149 0.56 -9.68 -0.36
CA GLN D 149 1.36 -8.94 0.61
C GLN D 149 2.51 -9.81 1.15
N ARG D 150 2.27 -11.10 1.30
CA ARG D 150 3.28 -12.04 1.78
C ARG D 150 4.45 -12.11 0.80
N ARG D 151 4.13 -12.18 -0.49
CA ARG D 151 5.14 -12.25 -1.54
C ARG D 151 5.91 -10.95 -1.69
N ILE D 152 5.23 -9.83 -1.46
CA ILE D 152 5.86 -8.51 -1.45
C ILE D 152 6.82 -8.38 -0.26
N ASP D 153 6.45 -8.98 0.87
CA ASP D 153 7.26 -8.95 2.09
C ASP D 153 8.51 -9.83 1.97
N ILE D 154 8.41 -10.94 1.23
CA ILE D 154 9.54 -11.83 1.00
C ILE D 154 10.58 -11.12 0.15
N LEU D 155 10.12 -10.43 -0.89
CA LEU D 155 11.02 -9.72 -1.80
C LEU D 155 11.65 -8.49 -1.13
N ALA D 156 10.86 -7.80 -0.31
CA ALA D 156 11.35 -6.63 0.42
C ALA D 156 12.46 -7.02 1.40
N GLU D 157 12.33 -8.20 1.99
CA GLU D 157 13.32 -8.71 2.92
C GLU D 157 14.60 -9.10 2.19
N TYR D 158 14.48 -9.61 0.97
CA TYR D 158 15.66 -9.88 0.14
C TYR D 158 16.35 -8.58 -0.28
N GLU D 159 15.56 -7.55 -0.54
CA GLU D 159 16.09 -6.24 -0.92
C GLU D 159 16.88 -5.60 0.23
N ARG D 160 16.50 -5.95 1.46
CA ARG D 160 17.13 -5.42 2.67
C ARG D 160 18.50 -6.04 2.97
N THR D 161 18.60 -7.36 2.84
CA THR D 161 19.82 -8.09 3.26
C THR D 161 20.62 -8.70 2.11
N HIS D 162 20.00 -8.85 0.95
CA HIS D 162 20.57 -9.57 -0.20
C HIS D 162 20.90 -11.04 0.09
N GLU D 163 20.21 -11.61 1.07
CA GLU D 163 20.33 -13.02 1.41
C GLU D 163 19.16 -13.75 0.75
N ALA D 164 19.46 -14.54 -0.28
CA ALA D 164 18.42 -15.22 -1.04
C ALA D 164 17.64 -16.18 -0.15
N PRO D 165 16.31 -16.09 -0.14
CA PRO D 165 15.50 -17.00 0.68
C PRO D 165 15.51 -18.40 0.07
N PRO D 166 15.53 -19.45 0.89
CA PRO D 166 15.59 -20.82 0.37
C PRO D 166 14.29 -21.25 -0.28
N VAL D 167 14.37 -21.99 -1.38
CA VAL D 167 13.20 -22.59 -2.00
C VAL D 167 12.63 -23.70 -1.10
N PRO D 168 11.33 -24.00 -1.23
CA PRO D 168 10.71 -25.06 -0.44
C PRO D 168 11.36 -26.44 -0.62
N GLY E 13 -41.72 0.50 -4.03
CA GLY E 13 -40.63 0.40 -3.02
C GLY E 13 -40.38 -1.04 -2.60
N MET E 14 -39.21 -1.57 -2.96
CA MET E 14 -38.83 -2.94 -2.65
C MET E 14 -37.78 -2.99 -1.55
N ARG E 15 -38.01 -3.83 -0.54
CA ARG E 15 -37.00 -4.10 0.48
C ARG E 15 -35.99 -5.10 -0.09
N VAL E 16 -34.73 -4.69 -0.19
CA VAL E 16 -33.68 -5.52 -0.80
C VAL E 16 -32.51 -5.80 0.16
N TYR E 17 -32.36 -7.06 0.56
CA TYR E 17 -31.23 -7.49 1.38
C TYR E 17 -29.99 -7.68 0.50
N LEU E 18 -28.85 -7.18 0.94
CA LEU E 18 -27.62 -7.20 0.13
C LEU E 18 -26.47 -7.86 0.86
N GLY E 19 -25.83 -8.83 0.20
CA GLY E 19 -24.64 -9.48 0.71
C GLY E 19 -23.49 -9.36 -0.29
N ALA E 20 -22.26 -9.38 0.21
CA ALA E 20 -21.08 -9.30 -0.65
C ALA E 20 -19.79 -9.59 0.13
N ASP E 21 -18.83 -10.22 -0.55
CA ASP E 21 -17.47 -10.34 -0.02
C ASP E 21 -16.65 -9.13 -0.48
N HIS E 22 -15.33 -9.21 -0.29
CA HIS E 22 -14.42 -8.12 -0.66
C HIS E 22 -14.49 -7.70 -2.12
N ALA E 23 -14.66 -8.67 -3.01
CA ALA E 23 -14.64 -8.42 -4.46
C ALA E 23 -15.85 -7.62 -4.94
N GLY E 24 -16.99 -7.80 -4.28
CA GLY E 24 -18.19 -7.06 -4.61
C GLY E 24 -18.56 -6.00 -3.59
N TYR E 25 -17.63 -5.67 -2.70
CA TYR E 25 -17.92 -4.75 -1.58
C TYR E 25 -18.17 -3.32 -2.06
N GLU E 26 -17.26 -2.80 -2.88
CA GLU E 26 -17.37 -1.41 -3.36
C GLU E 26 -18.64 -1.23 -4.19
N LEU E 27 -18.94 -2.19 -5.05
CA LEU E 27 -20.15 -2.15 -5.87
C LEU E 27 -21.42 -2.25 -5.02
N LYS E 28 -21.35 -2.97 -3.90
CA LYS E 28 -22.49 -3.11 -2.99
C LYS E 28 -22.84 -1.77 -2.35
N GLN E 29 -21.84 -1.00 -1.98
CA GLN E 29 -22.04 0.28 -1.32
C GLN E 29 -22.66 1.29 -2.30
N ARG E 30 -22.29 1.17 -3.57
CA ARG E 30 -22.85 2.02 -4.62
C ARG E 30 -24.29 1.65 -4.94
N ILE E 31 -24.62 0.36 -4.80
CA ILE E 31 -25.98 -0.13 -5.01
C ILE E 31 -26.89 0.26 -3.84
N ILE E 32 -26.31 0.34 -2.64
CA ILE E 32 -27.05 0.76 -1.45
C ILE E 32 -27.48 2.22 -1.59
N GLU E 33 -26.58 3.05 -2.11
CA GLU E 33 -26.87 4.48 -2.30
C GLU E 33 -27.84 4.69 -3.46
N HIS E 34 -27.74 3.86 -4.49
CA HIS E 34 -28.60 3.96 -5.68
C HIS E 34 -30.03 3.57 -5.35
N LEU E 35 -30.19 2.53 -4.55
CA LEU E 35 -31.50 2.04 -4.15
C LEU E 35 -32.21 3.04 -3.25
N LYS E 36 -31.46 3.65 -2.33
CA LYS E 36 -32.01 4.68 -1.44
C LYS E 36 -32.58 5.85 -2.24
N GLN E 37 -31.85 6.28 -3.26
CA GLN E 37 -32.23 7.44 -4.06
C GLN E 37 -33.40 7.16 -5.01
N THR E 38 -33.65 5.89 -5.30
CA THR E 38 -34.74 5.49 -6.20
C THR E 38 -35.96 4.91 -5.45
N GLY E 39 -36.06 5.19 -4.15
CA GLY E 39 -37.25 4.89 -3.38
C GLY E 39 -37.36 3.46 -2.86
N HIS E 40 -36.22 2.83 -2.61
CA HIS E 40 -36.16 1.45 -2.10
C HIS E 40 -35.55 1.43 -0.69
N GLU E 41 -35.58 0.25 -0.07
CA GLU E 41 -35.08 0.07 1.30
C GLU E 41 -34.00 -1.02 1.35
N PRO E 42 -32.76 -0.66 1.04
CA PRO E 42 -31.64 -1.61 1.14
C PRO E 42 -31.25 -1.93 2.58
N ILE E 43 -30.89 -3.18 2.84
CA ILE E 43 -30.49 -3.64 4.17
C ILE E 43 -29.19 -4.43 4.04
N ASP E 44 -28.14 -3.96 4.71
CA ASP E 44 -26.80 -4.52 4.55
C ASP E 44 -26.56 -5.73 5.46
N CYS E 45 -26.43 -6.91 4.86
CA CYS E 45 -26.10 -8.14 5.58
C CYS E 45 -24.60 -8.35 5.79
N GLY E 46 -23.79 -7.43 5.26
CA GLY E 46 -22.34 -7.52 5.34
C GLY E 46 -21.74 -7.95 4.01
N ALA E 47 -20.45 -7.74 3.79
CA ALA E 47 -19.52 -7.22 4.78
C ALA E 47 -19.68 -5.71 4.94
N LEU E 48 -19.54 -5.25 6.18
CA LEU E 48 -19.72 -3.82 6.50
C LEU E 48 -18.44 -3.01 6.27
N ARG E 49 -17.34 -3.69 5.96
CA ARG E 49 -16.13 -3.04 5.47
C ARG E 49 -15.25 -3.97 4.65
N TYR E 50 -14.23 -3.40 4.01
CA TYR E 50 -13.34 -4.16 3.13
C TYR E 50 -12.36 -5.03 3.93
N ASP E 51 -12.50 -6.35 3.77
CA ASP E 51 -11.53 -7.32 4.25
C ASP E 51 -11.14 -8.18 3.05
N ALA E 52 -9.89 -8.04 2.60
CA ALA E 52 -9.42 -8.64 1.35
C ALA E 52 -9.47 -10.18 1.34
N ASP E 53 -9.41 -10.79 2.52
CA ASP E 53 -9.33 -12.25 2.65
C ASP E 53 -10.63 -12.93 3.08
N ASP E 54 -11.71 -12.16 3.23
CA ASP E 54 -12.96 -12.73 3.76
C ASP E 54 -13.65 -13.68 2.78
N ASP E 55 -14.62 -14.44 3.31
CA ASP E 55 -15.23 -15.55 2.59
C ASP E 55 -16.70 -15.27 2.29
N TYR E 56 -17.07 -15.45 1.02
CA TYR E 56 -18.40 -15.07 0.54
C TYR E 56 -19.59 -15.85 1.11
N PRO E 57 -19.47 -17.17 1.34
CA PRO E 57 -20.65 -17.98 1.68
C PRO E 57 -21.51 -17.43 2.81
N ALA E 58 -20.90 -16.87 3.85
CA ALA E 58 -21.64 -16.43 5.04
C ALA E 58 -22.57 -15.26 4.74
N PHE E 59 -22.10 -14.30 3.95
CA PHE E 59 -22.88 -13.13 3.58
C PHE E 59 -24.01 -13.47 2.61
N CYS E 60 -23.77 -14.46 1.75
CA CYS E 60 -24.74 -14.87 0.74
C CYS E 60 -25.89 -15.67 1.35
N ILE E 61 -25.54 -16.57 2.28
CA ILE E 61 -26.54 -17.37 2.99
C ILE E 61 -27.38 -16.49 3.89
N ALA E 62 -26.79 -15.42 4.42
CA ALA E 62 -27.50 -14.47 5.27
C ALA E 62 -28.54 -13.68 4.46
N ALA E 63 -28.13 -13.20 3.29
CA ALA E 63 -29.01 -12.40 2.43
C ALA E 63 -30.12 -13.26 1.82
N ALA E 64 -29.80 -14.50 1.48
CA ALA E 64 -30.78 -15.43 0.89
C ALA E 64 -31.78 -15.91 1.93
N THR E 65 -31.31 -16.16 3.15
CA THR E 65 -32.15 -16.65 4.24
C THR E 65 -33.16 -15.60 4.68
N ARG E 66 -32.71 -14.35 4.78
CA ARG E 66 -33.55 -13.25 5.22
C ARG E 66 -34.54 -12.81 4.14
N THR E 67 -34.18 -13.05 2.88
CA THR E 67 -35.07 -12.74 1.76
C THR E 67 -36.24 -13.72 1.70
N VAL E 68 -35.96 -15.00 1.93
CA VAL E 68 -36.97 -16.05 1.89
C VAL E 68 -37.91 -15.97 3.09
N ALA E 69 -37.39 -15.57 4.25
CA ALA E 69 -38.17 -15.47 5.47
C ALA E 69 -38.97 -14.17 5.57
N ASP E 70 -38.87 -13.33 4.54
CA ASP E 70 -39.57 -12.05 4.47
C ASP E 70 -40.22 -11.91 3.08
N PRO E 71 -41.32 -12.62 2.85
CA PRO E 71 -41.99 -12.65 1.54
C PRO E 71 -42.27 -11.26 0.95
N GLY E 72 -42.04 -11.11 -0.35
CA GLY E 72 -42.20 -9.85 -1.04
C GLY E 72 -40.91 -9.05 -1.17
N SER E 73 -39.89 -9.44 -0.41
CA SER E 73 -38.58 -8.80 -0.48
C SER E 73 -37.75 -9.45 -1.57
N LEU E 74 -36.71 -8.73 -2.02
CA LEU E 74 -35.74 -9.25 -2.97
C LEU E 74 -34.36 -9.27 -2.33
N GLY E 75 -33.36 -9.74 -3.08
CA GLY E 75 -32.01 -9.86 -2.58
C GLY E 75 -30.98 -9.78 -3.69
N ILE E 76 -29.77 -9.31 -3.35
CA ILE E 76 -28.69 -9.18 -4.32
C ILE E 76 -27.37 -9.57 -3.65
N VAL E 77 -26.63 -10.49 -4.27
CA VAL E 77 -25.34 -10.93 -3.76
C VAL E 77 -24.23 -10.58 -4.76
N LEU E 78 -23.18 -9.91 -4.28
CA LEU E 78 -22.12 -9.40 -5.14
C LEU E 78 -20.79 -10.09 -4.84
N GLY E 79 -20.06 -10.42 -5.91
CA GLY E 79 -18.70 -10.92 -5.78
C GLY E 79 -17.88 -10.45 -6.97
N GLY E 80 -16.94 -11.29 -7.41
CA GLY E 80 -16.13 -10.98 -8.57
C GLY E 80 -16.85 -11.33 -9.84
N SER E 81 -17.23 -12.60 -9.95
CA SER E 81 -18.04 -13.10 -11.06
C SER E 81 -19.51 -13.21 -10.66
N GLY E 82 -19.77 -13.36 -9.36
CA GLY E 82 -21.12 -13.56 -8.85
C GLY E 82 -21.53 -15.03 -8.79
N ASN E 83 -20.70 -15.91 -9.34
CA ASN E 83 -21.08 -17.32 -9.50
C ASN E 83 -20.97 -18.13 -8.21
N GLY E 84 -19.87 -17.93 -7.47
CA GLY E 84 -19.75 -18.52 -6.15
C GLY E 84 -20.86 -18.03 -5.22
N GLU E 85 -21.27 -16.78 -5.42
CA GLU E 85 -22.25 -16.13 -4.56
C GLU E 85 -23.66 -16.69 -4.79
N GLN E 86 -24.03 -16.86 -6.06
CA GLN E 86 -25.34 -17.40 -6.41
C GLN E 86 -25.45 -18.88 -6.06
N ILE E 87 -24.34 -19.60 -6.11
CA ILE E 87 -24.31 -21.02 -5.76
C ILE E 87 -24.64 -21.21 -4.28
N ALA E 88 -24.07 -20.34 -3.44
CA ALA E 88 -24.29 -20.40 -2.00
C ALA E 88 -25.72 -20.01 -1.63
N ALA E 89 -26.25 -19.00 -2.29
CA ALA E 89 -27.61 -18.52 -2.06
C ALA E 89 -28.64 -19.60 -2.45
N ASN E 90 -28.30 -20.40 -3.45
CA ASN E 90 -29.19 -21.46 -3.94
C ASN E 90 -29.22 -22.69 -3.03
N LYS E 91 -28.26 -22.81 -2.12
CA LYS E 91 -28.29 -23.87 -1.10
C LYS E 91 -29.29 -23.57 0.02
N VAL E 92 -29.70 -22.31 0.16
CA VAL E 92 -30.69 -21.92 1.18
C VAL E 92 -32.08 -22.42 0.76
N PRO E 93 -32.76 -23.17 1.64
CA PRO E 93 -34.13 -23.63 1.37
C PRO E 93 -35.08 -22.52 0.91
N GLY E 94 -35.84 -22.78 -0.16
CA GLY E 94 -36.82 -21.85 -0.68
C GLY E 94 -36.28 -20.75 -1.58
N ALA E 95 -34.95 -20.67 -1.71
CA ALA E 95 -34.31 -19.58 -2.43
C ALA E 95 -34.08 -19.93 -3.90
N ARG E 96 -34.13 -18.92 -4.74
CA ARG E 96 -33.86 -19.05 -6.17
C ARG E 96 -33.03 -17.82 -6.58
N CYS E 97 -31.74 -18.05 -6.81
CA CYS E 97 -30.81 -16.98 -7.17
C CYS E 97 -30.23 -17.19 -8.57
N ALA E 98 -30.56 -16.26 -9.47
CA ALA E 98 -30.06 -16.28 -10.85
C ALA E 98 -28.83 -15.37 -10.95
N LEU E 99 -27.92 -15.69 -11.86
CA LEU E 99 -26.83 -14.77 -12.20
C LEU E 99 -27.30 -13.78 -13.27
N ALA E 100 -27.41 -12.51 -12.89
CA ALA E 100 -27.75 -11.44 -13.82
C ALA E 100 -26.48 -10.79 -14.37
N TRP E 101 -26.24 -10.95 -15.67
CA TRP E 101 -25.11 -10.32 -16.35
C TRP E 101 -25.56 -9.34 -17.43
N SER E 102 -26.85 -9.02 -17.43
CA SER E 102 -27.42 -8.06 -18.37
C SER E 102 -28.81 -7.62 -17.92
N VAL E 103 -29.37 -6.62 -18.60
CA VAL E 103 -30.73 -6.16 -18.32
C VAL E 103 -31.74 -7.26 -18.65
N GLN E 104 -31.46 -8.02 -19.70
CA GLN E 104 -32.37 -9.07 -20.17
C GLN E 104 -32.46 -10.25 -19.21
N THR E 105 -31.30 -10.73 -18.73
CA THR E 105 -31.28 -11.88 -17.80
C THR E 105 -31.76 -11.51 -16.39
N ALA E 106 -31.66 -10.24 -16.03
CA ALA E 106 -32.15 -9.76 -14.74
C ALA E 106 -33.68 -9.70 -14.75
N ALA E 107 -34.24 -9.26 -15.87
CA ALA E 107 -35.69 -9.19 -16.06
C ALA E 107 -36.29 -10.58 -16.19
N LEU E 108 -35.60 -11.46 -16.92
CA LEU E 108 -36.05 -12.84 -17.12
C LEU E 108 -35.96 -13.66 -15.83
N ALA E 109 -35.08 -13.26 -14.92
CA ALA E 109 -34.96 -13.92 -13.63
C ALA E 109 -36.25 -13.73 -12.82
N ARG E 110 -36.81 -12.53 -12.89
CA ARG E 110 -38.07 -12.21 -12.23
C ARG E 110 -39.28 -12.77 -12.98
N GLU E 111 -39.29 -12.60 -14.31
CA GLU E 111 -40.40 -12.99 -15.17
C GLU E 111 -40.66 -14.49 -15.19
N HIS E 112 -39.61 -15.25 -15.47
CA HIS E 112 -39.71 -16.71 -15.68
C HIS E 112 -39.43 -17.51 -14.41
N ASN E 113 -38.40 -17.12 -13.65
CA ASN E 113 -37.94 -17.91 -12.50
C ASN E 113 -38.50 -17.47 -11.15
N ASN E 114 -39.17 -16.31 -11.10
CA ASN E 114 -39.58 -15.70 -9.84
C ASN E 114 -38.43 -15.63 -8.84
N ALA E 115 -37.24 -15.33 -9.35
CA ALA E 115 -36.03 -15.31 -8.54
C ALA E 115 -36.09 -14.18 -7.53
N GLN E 116 -36.04 -14.54 -6.25
CA GLN E 116 -36.03 -13.54 -5.17
C GLN E 116 -34.67 -12.89 -5.07
N LEU E 117 -33.64 -13.51 -5.63
CA LEU E 117 -32.27 -12.98 -5.58
C LEU E 117 -31.57 -13.04 -6.93
N ILE E 118 -30.56 -12.18 -7.08
CA ILE E 118 -29.62 -12.26 -8.22
C ILE E 118 -28.18 -12.09 -7.74
N GLY E 119 -27.25 -12.69 -8.46
CA GLY E 119 -25.84 -12.47 -8.25
C GLY E 119 -25.29 -11.60 -9.35
N ILE E 120 -24.43 -10.66 -8.99
CA ILE E 120 -23.74 -9.81 -9.98
C ILE E 120 -22.25 -9.85 -9.72
N GLY E 121 -21.47 -10.01 -10.78
CA GLY E 121 -20.02 -9.88 -10.72
C GLY E 121 -19.61 -8.45 -11.01
N GLY E 122 -19.01 -7.78 -10.02
CA GLY E 122 -18.55 -6.41 -10.16
C GLY E 122 -17.35 -6.25 -11.09
N ARG E 123 -16.52 -7.29 -11.18
CA ARG E 123 -15.37 -7.28 -12.08
C ARG E 123 -15.76 -7.47 -13.56
N MET E 124 -17.01 -7.84 -13.81
CA MET E 124 -17.50 -8.09 -15.18
C MET E 124 -18.16 -6.86 -15.81
N HIS E 125 -18.63 -5.93 -14.99
CA HIS E 125 -19.37 -4.76 -15.49
C HIS E 125 -18.79 -3.43 -15.01
N THR E 126 -19.11 -2.38 -15.75
CA THR E 126 -18.88 -1.01 -15.28
C THR E 126 -19.94 -0.70 -14.23
N VAL E 127 -19.78 0.42 -13.53
CA VAL E 127 -20.72 0.79 -12.48
C VAL E 127 -22.10 1.12 -13.04
N ALA E 128 -22.15 1.76 -14.20
CA ALA E 128 -23.41 2.10 -14.85
C ALA E 128 -24.16 0.88 -15.35
N GLU E 129 -23.43 -0.08 -15.91
CA GLU E 129 -24.02 -1.34 -16.39
C GLU E 129 -24.62 -2.16 -15.24
N ALA E 130 -23.97 -2.10 -14.08
CA ALA E 130 -24.42 -2.85 -12.91
C ALA E 130 -25.70 -2.29 -12.32
N LEU E 131 -25.84 -0.97 -12.33
CA LEU E 131 -27.02 -0.30 -11.77
C LEU E 131 -28.24 -0.45 -12.67
N ALA E 132 -28.01 -0.63 -13.97
CA ALA E 132 -29.09 -0.92 -14.91
C ALA E 132 -29.62 -2.34 -14.70
N ILE E 133 -28.72 -3.25 -14.32
CA ILE E 133 -29.08 -4.61 -13.98
C ILE E 133 -29.93 -4.63 -12.71
N VAL E 134 -29.58 -3.77 -11.75
CA VAL E 134 -30.32 -3.65 -10.49
C VAL E 134 -31.71 -3.08 -10.73
N ASP E 135 -31.81 -2.07 -11.61
CA ASP E 135 -33.08 -1.42 -11.93
C ASP E 135 -34.07 -2.40 -12.55
N ALA E 136 -33.59 -3.20 -13.50
CA ALA E 136 -34.41 -4.20 -14.16
C ALA E 136 -34.88 -5.28 -13.19
N PHE E 137 -34.03 -5.61 -12.21
CA PHE E 137 -34.33 -6.66 -11.25
C PHE E 137 -35.45 -6.26 -10.28
N VAL E 138 -35.40 -5.02 -9.79
CA VAL E 138 -36.34 -4.57 -8.75
C VAL E 138 -37.64 -3.98 -9.29
N THR E 139 -37.72 -3.77 -10.61
CA THR E 139 -38.93 -3.21 -11.23
C THR E 139 -39.71 -4.21 -12.10
N THR E 140 -39.04 -5.25 -12.58
CA THR E 140 -39.69 -6.26 -13.42
C THR E 140 -40.59 -7.15 -12.56
N PRO E 141 -41.87 -7.24 -12.89
CA PRO E 141 -42.79 -8.10 -12.15
C PRO E 141 -42.64 -9.59 -12.48
N TRP E 142 -43.06 -10.42 -11.54
CA TRP E 142 -43.16 -11.86 -11.72
C TRP E 142 -44.43 -12.13 -12.53
N SER E 143 -44.29 -12.86 -13.63
CA SER E 143 -45.37 -12.99 -14.61
C SER E 143 -46.56 -13.84 -14.13
N LYS E 144 -46.29 -14.79 -13.25
CA LYS E 144 -47.32 -15.70 -12.71
C LYS E 144 -47.87 -16.68 -13.75
N ALA E 145 -47.16 -16.87 -14.86
CA ALA E 145 -47.59 -17.76 -15.93
C ALA E 145 -47.63 -19.20 -15.44
N GLN E 146 -48.45 -20.02 -16.09
CA GLN E 146 -48.78 -21.35 -15.59
C GLN E 146 -47.57 -22.29 -15.63
N ARG E 147 -46.88 -22.32 -16.76
CA ARG E 147 -45.77 -23.23 -16.95
C ARG E 147 -44.57 -22.88 -16.06
N HIS E 148 -44.40 -21.59 -15.77
CA HIS E 148 -43.32 -21.12 -14.90
C HIS E 148 -43.55 -21.54 -13.46
N GLN E 149 -44.77 -21.37 -12.97
CA GLN E 149 -45.14 -21.78 -11.61
C GLN E 149 -45.08 -23.30 -11.47
N ARG E 150 -45.43 -24.00 -12.53
CA ARG E 150 -45.37 -25.47 -12.55
C ARG E 150 -43.93 -25.95 -12.34
N ARG E 151 -42.97 -25.27 -12.93
CA ARG E 151 -41.57 -25.65 -12.85
C ARG E 151 -40.93 -25.27 -11.51
N ILE E 152 -41.34 -24.13 -10.97
CA ILE E 152 -40.89 -23.69 -9.65
C ILE E 152 -41.36 -24.66 -8.57
N ASP E 153 -42.57 -25.21 -8.74
CA ASP E 153 -43.15 -26.12 -7.75
C ASP E 153 -42.52 -27.52 -7.84
N ILE E 154 -42.14 -27.94 -9.03
CA ILE E 154 -41.43 -29.22 -9.20
C ILE E 154 -40.10 -29.15 -8.45
N LEU E 155 -39.43 -28.00 -8.54
CA LEU E 155 -38.14 -27.81 -7.87
C LEU E 155 -38.29 -27.72 -6.35
N ALA E 156 -39.35 -27.04 -5.90
CA ALA E 156 -39.61 -26.90 -4.47
C ALA E 156 -39.93 -28.24 -3.82
N GLU E 157 -40.51 -29.15 -4.61
CA GLU E 157 -40.84 -30.50 -4.16
C GLU E 157 -39.58 -31.35 -4.03
N TYR E 158 -38.63 -31.15 -4.93
CA TYR E 158 -37.32 -31.82 -4.84
C TYR E 158 -36.51 -31.32 -3.65
N GLU E 159 -36.65 -30.05 -3.29
CA GLU E 159 -35.95 -29.49 -2.13
C GLU E 159 -36.46 -30.13 -0.83
N ARG E 160 -37.74 -30.45 -0.81
CA ARG E 160 -38.39 -31.00 0.38
C ARG E 160 -37.98 -32.46 0.63
N THR E 161 -38.06 -33.29 -0.41
CA THR E 161 -37.88 -34.74 -0.30
C THR E 161 -36.51 -35.24 -0.78
N HIS E 162 -35.90 -34.49 -1.69
CA HIS E 162 -34.65 -34.86 -2.37
C HIS E 162 -34.76 -36.15 -3.19
N GLU E 163 -35.96 -36.38 -3.73
CA GLU E 163 -36.23 -37.49 -4.62
C GLU E 163 -36.27 -36.94 -6.05
N ALA E 164 -35.30 -37.35 -6.87
CA ALA E 164 -35.21 -36.91 -8.25
C ALA E 164 -36.49 -37.25 -9.01
N PRO E 165 -37.13 -36.27 -9.63
CA PRO E 165 -38.35 -36.52 -10.41
C PRO E 165 -38.06 -37.29 -11.68
N PRO E 166 -39.06 -37.96 -12.25
CA PRO E 166 -38.84 -38.85 -13.40
C PRO E 166 -38.46 -38.09 -14.66
N VAL E 167 -37.47 -38.61 -15.38
CA VAL E 167 -37.06 -38.07 -16.67
C VAL E 167 -37.93 -38.73 -17.74
N PRO E 168 -38.51 -37.94 -18.65
CA PRO E 168 -39.25 -38.46 -19.82
C PRO E 168 -38.48 -39.36 -20.83
N GLY E 169 -37.61 -40.25 -20.36
CA GLY E 169 -36.91 -41.19 -21.22
C GLY E 169 -35.79 -41.93 -20.50
N ALA E 170 -35.74 -43.25 -20.70
CA ALA E 170 -34.65 -44.07 -20.15
C ALA E 170 -33.88 -44.72 -21.30
OH2 DEZ F . -2.02 3.02 21.02
C1 DEZ F . -2.40 2.90 19.84
OH1 DEZ F . -1.71 3.27 18.86
C2 DEZ F . -3.75 2.27 19.57
O2 DEZ F . -4.72 2.84 20.44
C3 DEZ F . -3.67 0.75 19.80
O3 DEZ F . -2.80 0.17 18.84
C4 DEZ F . -5.05 0.11 19.71
O4 DEZ F . -4.93 -1.33 19.68
P DEZ F . -6.13 -2.30 20.15
O1P DEZ F . -7.01 -2.49 18.94
O2P DEZ F . -6.82 -1.56 21.26
O3P DEZ F . -5.41 -3.54 20.60
OH2 DEZ G . 13.42 18.71 23.49
C1 DEZ G . 13.68 19.22 22.38
OH1 DEZ G . 12.94 19.06 21.38
C2 DEZ G . 14.91 20.06 22.23
O2 DEZ G . 16.05 19.21 22.13
C3 DEZ G . 15.08 21.03 23.40
O3 DEZ G . 13.99 21.95 23.39
C4 DEZ G . 16.39 21.80 23.32
O4 DEZ G . 16.42 22.84 24.31
P DEZ G . 17.77 23.60 24.73
O1P DEZ G . 18.03 24.56 23.59
O2P DEZ G . 18.82 22.52 24.83
O3P DEZ G . 17.43 24.24 26.04
OH2 DEZ H . 1.83 -12.72 -11.77
C1 DEZ H . 2.38 -12.88 -10.65
OH1 DEZ H . 3.27 -12.12 -10.22
C2 DEZ H . 1.95 -14.05 -9.80
O2 DEZ H . 2.32 -15.26 -10.43
C3 DEZ H . 0.44 -14.02 -9.56
O3 DEZ H . 0.09 -12.84 -8.84
C4 DEZ H . 0.00 -15.26 -8.79
O4 DEZ H . -1.32 -15.08 -8.26
P DEZ H . -2.21 -16.34 -7.80
O1P DEZ H . -1.79 -16.62 -6.38
O2P DEZ H . -1.86 -17.45 -8.76
O3P DEZ H . -3.63 -15.84 -7.93
OH2 DEZ I . 13.57 0.24 -25.01
C1 DEZ I . 14.52 0.74 -24.37
OH1 DEZ I . 14.92 0.27 -23.28
C2 DEZ I . 15.22 1.95 -24.93
O2 DEZ I . 14.30 3.03 -25.00
C3 DEZ I . 15.79 1.65 -26.32
O3 DEZ I . 16.87 0.73 -26.18
C4 DEZ I . 16.29 2.90 -27.03
O4 DEZ I . 16.87 2.53 -28.29
P DEZ I . 17.29 3.61 -29.40
O1P DEZ I . 18.61 4.16 -28.90
O2P DEZ I . 16.18 4.62 -29.41
O3P DEZ I . 17.40 2.81 -30.67
OH2 DEZ J . -16.44 -14.89 -7.75
C1 DEZ J . -16.39 -15.51 -6.66
OH1 DEZ J . -17.05 -16.56 -6.45
C2 DEZ J . -15.51 -14.98 -5.56
O2 DEZ J . -15.91 -13.66 -5.23
C3 DEZ J . -14.04 -15.00 -6.02
O3 DEZ J . -13.61 -16.35 -6.08
C4 DEZ J . -13.14 -14.22 -5.05
O4 DEZ J . -11.77 -14.49 -5.33
P DEZ J . -10.58 -13.58 -4.74
O1P DEZ J . -10.27 -14.17 -3.40
O2P DEZ J . -11.16 -12.19 -4.66
O3P DEZ J . -9.48 -13.73 -5.75
#